data_1G3J
#
_entry.id   1G3J
#
_cell.length_a   52.135
_cell.length_b   153.249
_cell.length_c   188.124
_cell.angle_alpha   90.00
_cell.angle_beta   90.00
_cell.angle_gamma   90.00
#
_symmetry.space_group_name_H-M   'P 21 21 21'
#
loop_
_entity.id
_entity.type
_entity.pdbx_description
1 polymer 'BETA-CATENIN ARMADILLO REPEAT REGION'
2 polymer 'TCF3-CBD (CATENIN BINDING DOMAIN)'
3 water water
#
loop_
_entity_poly.entity_id
_entity_poly.type
_entity_poly.pdbx_seq_one_letter_code
_entity_poly.pdbx_strand_id
1 'polypeptide(L)'
;KHAVVNLINYQDDAELATRAIPELTKLLNDEDQVVVNKAAVMVHQLSKKEASRHAIMRSPQMVSAIVRTMQNTNDVETAR
CTAGTLHNLSHHREGLLAIFKSGGIPALVKMLGSPVDSVLFYAITTLHNLLLHQEGAKMAVRLAGGLQKMVALLNKTNVK
FLAITTDCLQILAYGNQESKLIILASGGPQALVNIMRTYTYEKLLWTTSRVLKVLSVCSSNKPAIVEAGGMQALGLHLTD
PSQRLVQNCLWTLRNLSDAATKQEGMEGLLGTLVQLLGSDDINVVTCAAGILSNLTCNNYKNKMMVCQVGGIEALVRTVL
RAGDREDITEPAICALRHLTSRHQEAEMAQNAVRLHYGLPVVVKLLHPPSHWPLIKATVGLIRNLALCPANHAPLREQGA
IPRLVQLLVRAHQDTQRRTSMGGTQQQFVEGVRMEEIVEGCTGALHILARDVHNRIVIRGLNTIPLFVQLLYSPIENIQR
VAAGVLCELAQDKEAAEAIEAEGATAPLTELLHSRNEGVATYAAAVLFRMSE
;
A,C
2 'polypeptide(L)' MPQLNSGGGDELGANDELIRFKDEGEQEEKSPGEGSAEGDLADVKSSLVNESENHSSDSDS B,D
#
# COMPACT_ATOMS: atom_id res chain seq x y z
N HIS A 2 -18.31 -67.92 -3.52
CA HIS A 2 -18.39 -67.02 -4.70
C HIS A 2 -18.70 -67.78 -5.98
N ALA A 3 -18.27 -69.04 -6.03
CA ALA A 3 -18.51 -69.88 -7.20
C ALA A 3 -19.98 -70.25 -7.32
N VAL A 4 -20.64 -70.38 -6.18
CA VAL A 4 -22.06 -70.72 -6.13
C VAL A 4 -22.89 -69.58 -6.72
N VAL A 5 -22.69 -68.36 -6.21
CA VAL A 5 -23.42 -67.20 -6.69
C VAL A 5 -23.14 -66.93 -8.16
N ASN A 6 -21.90 -67.13 -8.59
CA ASN A 6 -21.52 -66.94 -9.99
C ASN A 6 -22.29 -67.89 -10.90
N LEU A 7 -22.45 -69.14 -10.46
CA LEU A 7 -23.18 -70.15 -11.22
C LEU A 7 -24.67 -69.82 -11.24
N ILE A 8 -25.24 -69.56 -10.07
CA ILE A 8 -26.66 -69.23 -9.93
C ILE A 8 -27.02 -67.98 -10.76
N ASN A 9 -26.14 -66.96 -10.72
CA ASN A 9 -26.36 -65.73 -11.48
C ASN A 9 -26.28 -65.97 -12.98
N TYR A 10 -25.31 -66.80 -13.37
CA TYR A 10 -25.11 -67.13 -14.78
C TYR A 10 -26.38 -67.79 -15.33
N GLN A 11 -26.93 -68.72 -14.55
CA GLN A 11 -28.15 -69.43 -14.94
C GLN A 11 -29.35 -68.47 -14.98
N ASP A 12 -29.52 -67.67 -13.93
CA ASP A 12 -30.62 -66.71 -13.87
C ASP A 12 -30.55 -65.68 -14.99
N ASP A 13 -29.34 -65.27 -15.34
CA ASP A 13 -29.12 -64.30 -16.41
C ASP A 13 -29.57 -64.86 -17.75
N ALA A 14 -29.38 -66.16 -17.94
CA ALA A 14 -29.77 -66.84 -19.17
C ALA A 14 -31.29 -66.93 -19.24
N GLU A 15 -31.92 -67.27 -18.11
CA GLU A 15 -33.37 -67.39 -18.03
C GLU A 15 -34.03 -66.04 -18.31
N LEU A 16 -33.39 -64.97 -17.83
CA LEU A 16 -33.88 -63.60 -18.02
C LEU A 16 -33.74 -63.16 -19.47
N ALA A 17 -32.54 -63.31 -20.01
CA ALA A 17 -32.25 -62.91 -21.39
C ALA A 17 -33.01 -63.71 -22.45
N THR A 18 -33.43 -64.93 -22.10
CA THR A 18 -34.16 -65.76 -23.06
C THR A 18 -35.68 -65.82 -22.86
N ARG A 19 -36.14 -65.71 -21.61
CA ARG A 19 -37.57 -65.79 -21.34
C ARG A 19 -38.22 -64.54 -20.73
N ALA A 20 -37.81 -64.17 -19.52
CA ALA A 20 -38.39 -63.02 -18.82
C ALA A 20 -38.37 -61.68 -19.57
N ILE A 21 -37.17 -61.24 -19.97
CA ILE A 21 -37.03 -59.96 -20.67
C ILE A 21 -37.83 -59.84 -21.97
N PRO A 22 -37.67 -60.80 -22.90
CA PRO A 22 -38.42 -60.72 -24.16
C PRO A 22 -39.94 -60.79 -23.95
N GLU A 23 -40.37 -61.46 -22.88
CA GLU A 23 -41.78 -61.59 -22.56
C GLU A 23 -42.34 -60.27 -22.02
N LEU A 24 -41.62 -59.69 -21.05
CA LEU A 24 -42.02 -58.42 -20.44
C LEU A 24 -42.02 -57.28 -21.46
N THR A 25 -41.12 -57.34 -22.43
CA THR A 25 -41.03 -56.34 -23.48
C THR A 25 -42.32 -56.36 -24.28
N LYS A 26 -42.79 -57.56 -24.60
CA LYS A 26 -44.02 -57.75 -25.36
C LYS A 26 -45.23 -57.24 -24.58
N LEU A 27 -45.22 -57.47 -23.26
CA LEU A 27 -46.32 -57.03 -22.41
C LEU A 27 -46.34 -55.50 -22.24
N LEU A 28 -45.16 -54.89 -22.24
CA LEU A 28 -45.07 -53.43 -22.12
C LEU A 28 -45.65 -52.80 -23.39
N ASN A 29 -45.61 -53.55 -24.48
CA ASN A 29 -46.13 -53.10 -25.77
C ASN A 29 -47.62 -53.43 -25.95
N ASP A 30 -48.22 -54.03 -24.92
CA ASP A 30 -49.63 -54.40 -24.98
C ASP A 30 -50.55 -53.19 -25.14
N GLU A 31 -51.72 -53.41 -25.74
CA GLU A 31 -52.70 -52.36 -25.95
C GLU A 31 -53.41 -52.05 -24.64
N ASP A 32 -53.65 -53.08 -23.85
CA ASP A 32 -54.31 -52.95 -22.55
C ASP A 32 -53.33 -52.26 -21.60
N GLN A 33 -53.69 -51.05 -21.17
CA GLN A 33 -52.85 -50.26 -20.28
C GLN A 33 -52.65 -50.88 -18.89
N VAL A 34 -53.63 -51.66 -18.44
CA VAL A 34 -53.53 -52.32 -17.15
C VAL A 34 -52.47 -53.42 -17.19
N VAL A 35 -52.27 -54.01 -18.36
CA VAL A 35 -51.27 -55.05 -18.55
C VAL A 35 -49.89 -54.38 -18.53
N VAL A 36 -49.78 -53.28 -19.27
CA VAL A 36 -48.53 -52.51 -19.35
C VAL A 36 -48.10 -52.07 -17.96
N ASN A 37 -49.06 -51.56 -17.18
CA ASN A 37 -48.81 -51.10 -15.81
C ASN A 37 -48.25 -52.21 -14.94
N LYS A 38 -48.93 -53.35 -14.95
CA LYS A 38 -48.53 -54.51 -14.16
C LYS A 38 -47.16 -55.04 -14.61
N ALA A 39 -46.89 -54.95 -15.91
CA ALA A 39 -45.63 -55.40 -16.49
C ALA A 39 -44.52 -54.45 -16.06
N ALA A 40 -44.84 -53.15 -16.05
CA ALA A 40 -43.88 -52.12 -15.66
C ALA A 40 -43.44 -52.34 -14.22
N VAL A 41 -44.35 -52.83 -13.38
CA VAL A 41 -44.04 -53.10 -11.99
C VAL A 41 -43.03 -54.23 -11.91
N MET A 42 -43.29 -55.32 -12.65
CA MET A 42 -42.40 -56.47 -12.66
C MET A 42 -41.00 -56.09 -13.15
N VAL A 43 -40.94 -55.30 -14.22
CA VAL A 43 -39.65 -54.86 -14.76
C VAL A 43 -38.91 -54.05 -13.70
N HIS A 44 -39.64 -53.20 -12.98
CA HIS A 44 -39.05 -52.36 -11.93
C HIS A 44 -38.51 -53.23 -10.79
N GLN A 45 -39.31 -54.20 -10.35
CA GLN A 45 -38.89 -55.09 -9.28
C GLN A 45 -37.61 -55.81 -9.65
N LEU A 46 -37.51 -56.24 -10.91
CA LEU A 46 -36.32 -56.92 -11.40
C LEU A 46 -35.10 -56.00 -11.40
N SER A 47 -35.31 -54.73 -11.76
CA SER A 47 -34.22 -53.77 -11.80
C SER A 47 -33.58 -53.52 -10.44
N LYS A 48 -34.33 -53.81 -9.37
CA LYS A 48 -33.83 -53.63 -8.01
C LYS A 48 -32.67 -54.56 -7.70
N LYS A 49 -32.66 -55.74 -8.31
CA LYS A 49 -31.59 -56.72 -8.11
C LYS A 49 -30.47 -56.41 -9.10
N GLU A 50 -29.31 -56.01 -8.58
CA GLU A 50 -28.16 -55.66 -9.39
C GLU A 50 -27.78 -56.71 -10.44
N ALA A 51 -27.80 -57.99 -10.05
CA ALA A 51 -27.45 -59.09 -10.96
C ALA A 51 -28.41 -59.23 -12.14
N SER A 52 -29.63 -58.72 -11.99
CA SER A 52 -30.65 -58.80 -13.03
C SER A 52 -30.59 -57.65 -14.03
N ARG A 53 -29.93 -56.56 -13.64
CA ARG A 53 -29.83 -55.37 -14.49
C ARG A 53 -29.23 -55.56 -15.88
N HIS A 54 -28.14 -56.33 -15.97
CA HIS A 54 -27.50 -56.58 -17.26
C HIS A 54 -28.46 -57.18 -18.26
N ALA A 55 -29.27 -58.14 -17.82
CA ALA A 55 -30.25 -58.78 -18.69
C ALA A 55 -31.22 -57.73 -19.24
N ILE A 56 -31.57 -56.75 -18.40
CA ILE A 56 -32.48 -55.69 -18.79
C ILE A 56 -31.85 -54.66 -19.74
N MET A 57 -30.66 -54.16 -19.40
CA MET A 57 -29.99 -53.16 -20.22
C MET A 57 -29.42 -53.66 -21.55
N ARG A 58 -29.04 -54.93 -21.60
CA ARG A 58 -28.48 -55.51 -22.81
C ARG A 58 -29.53 -55.85 -23.86
N SER A 59 -30.77 -55.44 -23.60
CA SER A 59 -31.87 -55.66 -24.52
C SER A 59 -32.44 -54.32 -24.97
N PRO A 60 -32.02 -53.85 -26.15
CA PRO A 60 -32.49 -52.56 -26.70
C PRO A 60 -34.01 -52.49 -26.77
N GLN A 61 -34.65 -53.62 -27.07
CA GLN A 61 -36.10 -53.69 -27.17
C GLN A 61 -36.76 -53.38 -25.83
N MET A 62 -36.15 -53.90 -24.76
CA MET A 62 -36.67 -53.69 -23.42
C MET A 62 -36.52 -52.23 -23.00
N VAL A 63 -35.29 -51.71 -23.11
CA VAL A 63 -35.00 -50.32 -22.75
C VAL A 63 -35.91 -49.38 -23.51
N SER A 64 -36.00 -49.55 -24.83
CA SER A 64 -36.85 -48.71 -25.66
C SER A 64 -38.31 -48.78 -25.25
N ALA A 65 -38.75 -49.98 -24.83
CA ALA A 65 -40.13 -50.16 -24.39
C ALA A 65 -40.34 -49.45 -23.06
N ILE A 66 -39.32 -49.48 -22.21
CA ILE A 66 -39.37 -48.82 -20.89
C ILE A 66 -39.49 -47.31 -21.09
N VAL A 67 -38.59 -46.77 -21.92
CA VAL A 67 -38.56 -45.34 -22.23
C VAL A 67 -39.88 -44.89 -22.87
N ARG A 68 -40.32 -45.58 -23.92
CA ARG A 68 -41.55 -45.25 -24.61
C ARG A 68 -42.76 -45.29 -23.67
N THR A 69 -42.79 -46.29 -22.79
CA THR A 69 -43.88 -46.43 -21.82
C THR A 69 -43.90 -45.27 -20.84
N MET A 70 -42.74 -44.92 -20.29
CA MET A 70 -42.64 -43.82 -19.33
C MET A 70 -43.10 -42.50 -19.96
N GLN A 71 -42.59 -42.23 -21.16
CA GLN A 71 -42.92 -41.01 -21.90
C GLN A 71 -44.36 -40.92 -22.41
N ASN A 72 -45.03 -42.06 -22.55
CA ASN A 72 -46.41 -42.06 -23.05
C ASN A 72 -47.51 -42.42 -22.07
N THR A 73 -47.14 -43.08 -20.97
CA THR A 73 -48.14 -43.48 -19.97
C THR A 73 -48.92 -42.35 -19.32
N ASN A 74 -50.11 -42.69 -18.81
CA ASN A 74 -50.97 -41.74 -18.14
C ASN A 74 -51.24 -42.24 -16.71
N ASP A 75 -50.50 -43.29 -16.33
CA ASP A 75 -50.62 -43.87 -15.00
C ASP A 75 -49.40 -43.43 -14.19
N VAL A 76 -49.65 -42.70 -13.10
CA VAL A 76 -48.60 -42.21 -12.23
C VAL A 76 -47.67 -43.32 -11.74
N GLU A 77 -48.25 -44.44 -11.32
CA GLU A 77 -47.48 -45.57 -10.82
C GLU A 77 -46.58 -46.16 -11.90
N THR A 78 -47.07 -46.14 -13.15
CA THR A 78 -46.31 -46.66 -14.28
C THR A 78 -45.13 -45.73 -14.59
N ALA A 79 -45.37 -44.42 -14.55
CA ALA A 79 -44.33 -43.43 -14.79
C ALA A 79 -43.25 -43.58 -13.74
N ARG A 80 -43.67 -43.84 -12.50
CA ARG A 80 -42.78 -44.01 -11.36
C ARG A 80 -41.90 -45.26 -11.51
N CYS A 81 -42.53 -46.40 -11.83
CA CYS A 81 -41.81 -47.66 -12.00
C CYS A 81 -40.79 -47.62 -13.14
N THR A 82 -41.21 -47.09 -14.28
CA THR A 82 -40.35 -46.98 -15.45
C THR A 82 -39.18 -46.03 -15.25
N ALA A 83 -39.42 -44.90 -14.58
CA ALA A 83 -38.36 -43.93 -14.30
C ALA A 83 -37.41 -44.58 -13.29
N GLY A 84 -38.00 -45.27 -12.31
CA GLY A 84 -37.21 -45.94 -11.29
C GLY A 84 -36.33 -47.01 -11.92
N THR A 85 -36.84 -47.65 -12.96
CA THR A 85 -36.08 -48.70 -13.66
C THR A 85 -34.88 -48.09 -14.37
N LEU A 86 -35.13 -47.01 -15.12
CA LEU A 86 -34.05 -46.33 -15.84
C LEU A 86 -32.97 -45.84 -14.88
N HIS A 87 -33.39 -45.40 -13.69
CA HIS A 87 -32.45 -44.92 -12.67
C HIS A 87 -31.57 -46.08 -12.24
N ASN A 88 -32.19 -47.23 -11.96
CA ASN A 88 -31.48 -48.43 -11.53
C ASN A 88 -30.47 -48.90 -12.57
N LEU A 89 -30.70 -48.56 -13.83
CA LEU A 89 -29.79 -48.96 -14.90
C LEU A 89 -28.73 -47.89 -15.23
N SER A 90 -28.82 -46.72 -14.59
CA SER A 90 -27.89 -45.63 -14.86
C SER A 90 -26.64 -45.53 -13.97
N HIS A 91 -26.27 -46.60 -13.30
CA HIS A 91 -25.09 -46.56 -12.43
C HIS A 91 -23.74 -46.85 -13.07
N HIS A 92 -23.74 -47.35 -14.31
CA HIS A 92 -22.50 -47.66 -15.00
C HIS A 92 -22.54 -47.28 -16.48
N ARG A 93 -21.37 -47.26 -17.11
CA ARG A 93 -21.23 -46.90 -18.52
C ARG A 93 -22.21 -47.63 -19.44
N GLU A 94 -22.27 -48.95 -19.29
CA GLU A 94 -23.16 -49.79 -20.11
C GLU A 94 -24.61 -49.33 -20.04
N GLY A 95 -25.13 -49.20 -18.82
CA GLY A 95 -26.51 -48.77 -18.65
C GLY A 95 -26.76 -47.38 -19.21
N LEU A 96 -25.90 -46.44 -18.86
CA LEU A 96 -26.03 -45.06 -19.33
C LEU A 96 -26.08 -45.00 -20.86
N LEU A 97 -25.23 -45.77 -21.51
CA LEU A 97 -25.18 -45.81 -22.97
C LEU A 97 -26.47 -46.40 -23.52
N ALA A 98 -27.02 -47.39 -22.81
CA ALA A 98 -28.27 -48.03 -23.23
C ALA A 98 -29.40 -47.03 -23.15
N ILE A 99 -29.48 -46.30 -22.04
CA ILE A 99 -30.53 -45.29 -21.84
C ILE A 99 -30.41 -44.20 -22.91
N PHE A 100 -29.17 -43.82 -23.21
CA PHE A 100 -28.87 -42.79 -24.21
C PHE A 100 -29.29 -43.21 -25.62
N LYS A 101 -28.87 -44.41 -26.04
CA LYS A 101 -29.20 -44.92 -27.37
C LYS A 101 -30.69 -45.18 -27.55
N SER A 102 -31.35 -45.50 -26.45
CA SER A 102 -32.78 -45.79 -26.46
C SER A 102 -33.62 -44.51 -26.47
N GLY A 103 -32.96 -43.36 -26.59
CA GLY A 103 -33.68 -42.09 -26.61
C GLY A 103 -34.26 -41.75 -25.25
N GLY A 104 -33.59 -42.17 -24.19
CA GLY A 104 -34.07 -41.90 -22.85
C GLY A 104 -34.00 -40.45 -22.40
N ILE A 105 -33.04 -39.69 -22.93
CA ILE A 105 -32.87 -38.30 -22.54
C ILE A 105 -34.14 -37.45 -22.76
N PRO A 106 -34.67 -37.39 -24.00
CA PRO A 106 -35.88 -36.59 -24.27
C PRO A 106 -37.06 -37.03 -23.42
N ALA A 107 -37.10 -38.32 -23.08
CA ALA A 107 -38.19 -38.87 -22.27
C ALA A 107 -37.99 -38.47 -20.81
N LEU A 108 -36.74 -38.53 -20.35
CA LEU A 108 -36.41 -38.15 -18.97
C LEU A 108 -36.69 -36.66 -18.75
N VAL A 109 -36.40 -35.86 -19.77
CA VAL A 109 -36.63 -34.42 -19.72
C VAL A 109 -38.13 -34.17 -19.65
N LYS A 110 -38.90 -34.91 -20.46
CA LYS A 110 -40.36 -34.75 -20.44
C LYS A 110 -40.92 -35.00 -19.05
N MET A 111 -40.33 -35.97 -18.34
CA MET A 111 -40.76 -36.32 -16.99
C MET A 111 -40.52 -35.18 -15.99
N LEU A 112 -39.67 -34.22 -16.35
CA LEU A 112 -39.39 -33.08 -15.46
C LEU A 112 -40.62 -32.20 -15.33
N GLY A 113 -41.63 -32.46 -16.16
CA GLY A 113 -42.86 -31.71 -16.11
C GLY A 113 -43.91 -32.38 -15.24
N SER A 114 -43.53 -33.49 -14.62
CA SER A 114 -44.43 -34.23 -13.75
C SER A 114 -44.65 -33.54 -12.41
N PRO A 115 -45.86 -33.67 -11.85
CA PRO A 115 -46.21 -33.07 -10.55
C PRO A 115 -45.92 -34.02 -9.39
N VAL A 116 -45.53 -35.25 -9.74
CA VAL A 116 -45.21 -36.27 -8.75
C VAL A 116 -43.73 -36.22 -8.38
N ASP A 117 -43.45 -36.08 -7.09
CA ASP A 117 -42.08 -36.01 -6.60
C ASP A 117 -41.23 -37.22 -6.93
N SER A 118 -41.78 -38.41 -6.74
CA SER A 118 -41.05 -39.65 -7.01
C SER A 118 -40.52 -39.70 -8.45
N VAL A 119 -41.34 -39.27 -9.40
CA VAL A 119 -40.97 -39.24 -10.81
C VAL A 119 -39.88 -38.18 -11.06
N LEU A 120 -40.10 -36.98 -10.54
CA LEU A 120 -39.13 -35.90 -10.68
C LEU A 120 -37.76 -36.27 -10.12
N PHE A 121 -37.77 -36.91 -8.95
CA PHE A 121 -36.55 -37.32 -8.28
C PHE A 121 -35.78 -38.37 -9.08
N TYR A 122 -36.50 -39.33 -9.65
CA TYR A 122 -35.86 -40.36 -10.46
C TYR A 122 -35.31 -39.72 -11.73
N ALA A 123 -36.10 -38.82 -12.31
CA ALA A 123 -35.75 -38.13 -13.54
C ALA A 123 -34.52 -37.25 -13.44
N ILE A 124 -34.45 -36.42 -12.39
CA ILE A 124 -33.32 -35.51 -12.23
C ILE A 124 -32.00 -36.22 -11.87
N THR A 125 -32.06 -37.24 -11.02
CA THR A 125 -30.86 -37.98 -10.62
C THR A 125 -30.31 -38.80 -11.80
N THR A 126 -31.22 -39.35 -12.61
CA THR A 126 -30.83 -40.14 -13.77
C THR A 126 -30.19 -39.20 -14.80
N LEU A 127 -30.80 -38.03 -15.01
CA LEU A 127 -30.25 -37.05 -15.95
C LEU A 127 -28.89 -36.56 -15.46
N HIS A 128 -28.74 -36.46 -14.13
CA HIS A 128 -27.49 -36.03 -13.54
C HIS A 128 -26.39 -37.04 -13.82
N ASN A 129 -26.71 -38.33 -13.66
CA ASN A 129 -25.74 -39.41 -13.92
C ASN A 129 -25.31 -39.30 -15.37
N LEU A 130 -26.28 -39.13 -16.27
CA LEU A 130 -26.00 -39.00 -17.69
C LEU A 130 -25.15 -37.76 -17.97
N LEU A 131 -25.51 -36.65 -17.33
CA LEU A 131 -24.76 -35.40 -17.52
C LEU A 131 -23.32 -35.53 -17.04
N LEU A 132 -23.10 -36.37 -16.03
CA LEU A 132 -21.76 -36.59 -15.49
C LEU A 132 -20.88 -37.54 -16.28
N HIS A 133 -21.47 -38.59 -16.86
CA HIS A 133 -20.67 -39.60 -17.57
C HIS A 133 -20.96 -39.94 -19.03
N GLN A 134 -22.15 -39.64 -19.53
CA GLN A 134 -22.46 -39.97 -20.92
C GLN A 134 -22.11 -38.87 -21.91
N GLU A 135 -21.13 -39.14 -22.77
CA GLU A 135 -20.71 -38.17 -23.77
C GLU A 135 -21.89 -37.92 -24.71
N GLY A 136 -22.19 -36.65 -24.95
CA GLY A 136 -23.30 -36.28 -25.81
C GLY A 136 -24.57 -36.03 -25.04
N ALA A 137 -24.55 -36.27 -23.72
CA ALA A 137 -25.71 -36.06 -22.88
C ALA A 137 -26.09 -34.59 -22.77
N LYS A 138 -25.10 -33.73 -22.58
CA LYS A 138 -25.35 -32.29 -22.45
C LYS A 138 -26.12 -31.69 -23.62
N MET A 139 -25.68 -31.98 -24.85
CA MET A 139 -26.35 -31.46 -26.04
C MET A 139 -27.78 -31.99 -26.16
N ALA A 140 -27.97 -33.27 -25.85
CA ALA A 140 -29.30 -33.88 -25.92
C ALA A 140 -30.27 -33.25 -24.94
N VAL A 141 -29.81 -32.98 -23.71
CA VAL A 141 -30.64 -32.37 -22.69
C VAL A 141 -31.03 -30.94 -23.12
N ARG A 142 -30.08 -30.21 -23.69
CA ARG A 142 -30.34 -28.85 -24.16
C ARG A 142 -31.36 -28.88 -25.29
N LEU A 143 -31.11 -29.74 -26.28
CA LEU A 143 -31.99 -29.89 -27.43
C LEU A 143 -33.40 -30.28 -27.02
N ALA A 144 -33.51 -31.10 -25.97
CA ALA A 144 -34.81 -31.54 -25.48
C ALA A 144 -35.50 -30.47 -24.63
N GLY A 145 -34.81 -29.37 -24.40
CA GLY A 145 -35.38 -28.28 -23.61
C GLY A 145 -35.36 -28.54 -22.12
N GLY A 146 -34.32 -29.24 -21.65
CA GLY A 146 -34.19 -29.54 -20.24
C GLY A 146 -33.88 -28.33 -19.38
N LEU A 147 -33.14 -27.37 -19.94
CA LEU A 147 -32.78 -26.15 -19.23
C LEU A 147 -34.02 -25.40 -18.75
N GLN A 148 -34.97 -25.20 -19.66
CA GLN A 148 -36.20 -24.49 -19.35
C GLN A 148 -36.98 -25.22 -18.26
N LYS A 149 -37.08 -26.54 -18.40
CA LYS A 149 -37.80 -27.36 -17.43
C LYS A 149 -37.11 -27.32 -16.06
N MET A 150 -35.78 -27.37 -16.07
CA MET A 150 -35.00 -27.33 -14.83
C MET A 150 -35.16 -26.01 -14.09
N VAL A 151 -35.06 -24.89 -14.80
CA VAL A 151 -35.20 -23.58 -14.18
C VAL A 151 -36.58 -23.43 -13.57
N ALA A 152 -37.60 -23.93 -14.26
CA ALA A 152 -38.98 -23.86 -13.78
C ALA A 152 -39.18 -24.66 -12.49
N LEU A 153 -38.31 -25.64 -12.26
CA LEU A 153 -38.39 -26.48 -11.07
C LEU A 153 -37.70 -25.89 -9.85
N LEU A 154 -37.03 -24.75 -10.03
CA LEU A 154 -36.32 -24.12 -8.92
C LEU A 154 -37.24 -23.53 -7.85
N ASN A 155 -38.55 -23.61 -8.08
CA ASN A 155 -39.51 -23.10 -7.10
C ASN A 155 -39.93 -24.23 -6.15
N LYS A 156 -39.41 -25.44 -6.40
CA LYS A 156 -39.69 -26.59 -5.54
C LYS A 156 -39.00 -26.36 -4.19
N THR A 157 -39.38 -27.11 -3.16
CA THR A 157 -38.80 -26.91 -1.83
C THR A 157 -37.84 -27.96 -1.27
N ASN A 158 -37.78 -29.15 -1.87
CA ASN A 158 -36.85 -30.18 -1.38
C ASN A 158 -35.43 -29.69 -1.70
N VAL A 159 -34.65 -29.43 -0.66
CA VAL A 159 -33.29 -28.91 -0.84
C VAL A 159 -32.32 -29.86 -1.54
N LYS A 160 -32.53 -31.16 -1.37
CA LYS A 160 -31.66 -32.14 -2.02
C LYS A 160 -31.99 -32.14 -3.52
N PHE A 161 -33.27 -32.04 -3.84
CA PHE A 161 -33.73 -32.02 -5.23
C PHE A 161 -33.19 -30.76 -5.91
N LEU A 162 -33.26 -29.63 -5.22
CA LEU A 162 -32.77 -28.37 -5.76
C LEU A 162 -31.26 -28.41 -5.99
N ALA A 163 -30.54 -29.09 -5.11
CA ALA A 163 -29.09 -29.22 -5.22
C ALA A 163 -28.69 -29.95 -6.49
N ILE A 164 -29.42 -31.01 -6.82
CA ILE A 164 -29.16 -31.79 -8.03
C ILE A 164 -29.57 -30.99 -9.26
N THR A 165 -30.75 -30.38 -9.19
CA THR A 165 -31.28 -29.59 -10.30
C THR A 165 -30.34 -28.44 -10.64
N THR A 166 -29.89 -27.70 -9.63
CA THR A 166 -28.97 -26.59 -9.87
C THR A 166 -27.65 -27.11 -10.44
N ASP A 167 -27.14 -28.23 -9.93
CA ASP A 167 -25.89 -28.77 -10.47
C ASP A 167 -26.02 -29.16 -11.94
N CYS A 168 -27.18 -29.63 -12.37
CA CYS A 168 -27.36 -29.98 -13.78
C CYS A 168 -27.23 -28.70 -14.61
N LEU A 169 -27.77 -27.60 -14.08
CA LEU A 169 -27.70 -26.31 -14.76
C LEU A 169 -26.27 -25.83 -14.92
N GLN A 170 -25.46 -26.02 -13.88
CA GLN A 170 -24.05 -25.64 -13.87
C GLN A 170 -23.28 -26.43 -14.93
N ILE A 171 -23.56 -27.73 -15.00
CA ILE A 171 -22.92 -28.62 -15.97
C ILE A 171 -23.32 -28.24 -17.39
N LEU A 172 -24.60 -27.92 -17.58
CA LEU A 172 -25.13 -27.53 -18.89
C LEU A 172 -24.75 -26.12 -19.34
N ALA A 173 -24.59 -25.22 -18.36
CA ALA A 173 -24.28 -23.82 -18.65
C ALA A 173 -22.81 -23.49 -18.84
N TYR A 174 -21.93 -24.18 -18.15
CA TYR A 174 -20.49 -23.91 -18.24
C TYR A 174 -19.94 -23.79 -19.65
N GLY A 175 -19.29 -22.66 -19.91
CA GLY A 175 -18.67 -22.40 -21.20
C GLY A 175 -19.61 -22.43 -22.39
N ASN A 176 -20.92 -22.43 -22.13
CA ASN A 176 -21.90 -22.45 -23.21
C ASN A 176 -22.77 -21.20 -23.09
N GLN A 177 -22.39 -20.17 -23.84
CA GLN A 177 -23.10 -18.89 -23.84
C GLN A 177 -24.58 -19.03 -24.16
N GLU A 178 -24.91 -19.86 -25.14
CA GLU A 178 -26.28 -20.09 -25.55
C GLU A 178 -27.15 -20.66 -24.43
N SER A 179 -26.58 -21.55 -23.63
CA SER A 179 -27.31 -22.16 -22.52
C SER A 179 -27.58 -21.11 -21.43
N LYS A 180 -26.66 -20.17 -21.28
CA LYS A 180 -26.82 -19.12 -20.28
C LYS A 180 -27.96 -18.18 -20.65
N LEU A 181 -28.10 -17.89 -21.94
CA LEU A 181 -29.18 -17.01 -22.41
C LEU A 181 -30.55 -17.68 -22.24
N ILE A 182 -30.59 -18.99 -22.47
CA ILE A 182 -31.83 -19.74 -22.33
C ILE A 182 -32.25 -19.70 -20.86
N ILE A 183 -31.28 -19.88 -19.97
CA ILE A 183 -31.52 -19.86 -18.53
C ILE A 183 -32.04 -18.48 -18.14
N LEU A 184 -31.41 -17.43 -18.65
CA LEU A 184 -31.82 -16.06 -18.39
C LEU A 184 -33.26 -15.88 -18.88
N ALA A 185 -33.53 -16.31 -20.10
CA ALA A 185 -34.87 -16.20 -20.69
C ALA A 185 -35.93 -16.93 -19.88
N SER A 186 -35.53 -17.95 -19.14
CA SER A 186 -36.46 -18.71 -18.30
C SER A 186 -36.62 -18.14 -16.90
N GLY A 187 -35.92 -17.04 -16.62
CA GLY A 187 -36.00 -16.42 -15.32
C GLY A 187 -35.06 -17.03 -14.29
N GLY A 188 -33.99 -17.65 -14.78
CA GLY A 188 -33.02 -18.26 -13.89
C GLY A 188 -32.40 -17.38 -12.81
N PRO A 189 -31.93 -16.17 -13.15
CA PRO A 189 -31.31 -15.26 -12.17
C PRO A 189 -32.09 -15.05 -10.87
N GLN A 190 -33.33 -14.62 -10.98
CA GLN A 190 -34.16 -14.40 -9.80
C GLN A 190 -34.34 -15.69 -8.98
N ALA A 191 -34.63 -16.78 -9.68
CA ALA A 191 -34.84 -18.08 -9.03
C ALA A 191 -33.59 -18.58 -8.29
N LEU A 192 -32.41 -18.27 -8.84
CA LEU A 192 -31.17 -18.70 -8.21
C LEU A 192 -30.85 -17.80 -7.01
N VAL A 193 -31.12 -16.51 -7.16
CA VAL A 193 -30.88 -15.57 -6.08
C VAL A 193 -31.83 -15.87 -4.91
N ASN A 194 -33.07 -16.24 -5.22
CA ASN A 194 -34.05 -16.57 -4.18
C ASN A 194 -33.54 -17.70 -3.30
N ILE A 195 -32.99 -18.74 -3.93
CA ILE A 195 -32.45 -19.88 -3.20
C ILE A 195 -31.34 -19.46 -2.23
N MET A 196 -30.45 -18.57 -2.70
CA MET A 196 -29.32 -18.09 -1.89
C MET A 196 -29.73 -17.34 -0.64
N ARG A 197 -30.89 -16.70 -0.67
CA ARG A 197 -31.37 -15.95 0.48
C ARG A 197 -32.53 -16.66 1.18
N THR A 198 -32.78 -17.91 0.81
CA THR A 198 -33.86 -18.69 1.39
C THR A 198 -33.39 -19.93 2.16
N TYR A 199 -32.54 -20.76 1.54
CA TYR A 199 -32.07 -21.99 2.19
C TYR A 199 -30.73 -21.94 2.91
N THR A 200 -30.58 -22.82 3.88
CA THR A 200 -29.35 -22.92 4.67
C THR A 200 -28.56 -24.20 4.36
N TYR A 201 -29.15 -25.10 3.58
CA TYR A 201 -28.49 -26.34 3.19
C TYR A 201 -27.23 -26.01 2.38
N GLU A 202 -26.07 -26.21 2.99
CA GLU A 202 -24.78 -25.91 2.37
C GLU A 202 -24.55 -26.48 0.97
N LYS A 203 -24.90 -27.75 0.74
CA LYS A 203 -24.70 -28.37 -0.56
C LYS A 203 -25.49 -27.67 -1.67
N LEU A 204 -26.66 -27.14 -1.31
CA LEU A 204 -27.52 -26.43 -2.25
C LEU A 204 -26.96 -25.04 -2.53
N LEU A 205 -26.54 -24.35 -1.47
CA LEU A 205 -25.97 -23.02 -1.60
C LEU A 205 -24.71 -23.10 -2.46
N TRP A 206 -23.95 -24.17 -2.24
CA TRP A 206 -22.73 -24.40 -2.98
C TRP A 206 -22.99 -24.63 -4.47
N THR A 207 -23.89 -25.56 -4.79
CA THR A 207 -24.21 -25.85 -6.19
C THR A 207 -24.85 -24.65 -6.86
N THR A 208 -25.71 -23.95 -6.12
CA THR A 208 -26.37 -22.76 -6.65
C THR A 208 -25.36 -21.63 -6.89
N SER A 209 -24.38 -21.48 -6.00
CA SER A 209 -23.38 -20.43 -6.15
C SER A 209 -22.51 -20.71 -7.38
N ARG A 210 -22.38 -21.99 -7.73
CA ARG A 210 -21.60 -22.38 -8.90
C ARG A 210 -22.33 -21.99 -10.20
N VAL A 211 -23.65 -22.10 -10.19
CA VAL A 211 -24.46 -21.72 -11.36
C VAL A 211 -24.36 -20.21 -11.55
N LEU A 212 -24.48 -19.47 -10.44
CA LEU A 212 -24.39 -18.02 -10.47
C LEU A 212 -23.02 -17.55 -10.95
N LYS A 213 -21.95 -18.26 -10.55
CA LYS A 213 -20.61 -17.88 -10.99
C LYS A 213 -20.51 -18.01 -12.52
N VAL A 214 -20.99 -19.12 -13.06
CA VAL A 214 -20.97 -19.38 -14.50
C VAL A 214 -21.77 -18.33 -15.25
N LEU A 215 -22.92 -17.95 -14.69
CA LEU A 215 -23.78 -16.94 -15.31
C LEU A 215 -23.27 -15.51 -15.12
N SER A 216 -22.43 -15.31 -14.10
CA SER A 216 -21.92 -13.97 -13.80
C SER A 216 -20.95 -13.38 -14.83
N VAL A 217 -20.41 -14.21 -15.72
CA VAL A 217 -19.50 -13.72 -16.75
C VAL A 217 -20.28 -13.38 -18.04
N CYS A 218 -21.58 -13.67 -18.04
CA CYS A 218 -22.45 -13.38 -19.17
C CYS A 218 -22.93 -11.93 -19.08
N SER A 219 -22.74 -11.15 -20.15
CA SER A 219 -23.13 -9.74 -20.15
C SER A 219 -24.64 -9.51 -20.04
N SER A 220 -25.43 -10.55 -20.28
CA SER A 220 -26.88 -10.42 -20.18
C SER A 220 -27.35 -10.86 -18.79
N ASN A 221 -26.84 -12.00 -18.33
CA ASN A 221 -27.21 -12.52 -17.01
C ASN A 221 -26.69 -11.64 -15.87
N LYS A 222 -25.50 -11.08 -16.04
CA LYS A 222 -24.89 -10.24 -15.01
C LYS A 222 -25.81 -9.15 -14.47
N PRO A 223 -26.34 -8.26 -15.33
CA PRO A 223 -27.22 -7.23 -14.80
C PRO A 223 -28.52 -7.79 -14.22
N ALA A 224 -28.96 -8.94 -14.72
CA ALA A 224 -30.18 -9.58 -14.23
C ALA A 224 -29.99 -10.09 -12.81
N ILE A 225 -28.80 -10.66 -12.55
CA ILE A 225 -28.44 -11.18 -11.23
C ILE A 225 -28.38 -10.02 -10.24
N VAL A 226 -27.72 -8.93 -10.65
CA VAL A 226 -27.61 -7.74 -9.82
C VAL A 226 -28.98 -7.19 -9.47
N GLU A 227 -29.80 -6.95 -10.49
CA GLU A 227 -31.14 -6.42 -10.31
C GLU A 227 -32.02 -7.33 -9.44
N ALA A 228 -31.71 -8.63 -9.41
CA ALA A 228 -32.47 -9.58 -8.62
C ALA A 228 -32.05 -9.58 -7.16
N GLY A 229 -31.02 -8.81 -6.84
CA GLY A 229 -30.52 -8.74 -5.49
C GLY A 229 -29.41 -9.75 -5.27
N GLY A 230 -28.73 -10.12 -6.35
CA GLY A 230 -27.65 -11.08 -6.25
C GLY A 230 -26.51 -10.72 -5.33
N MET A 231 -26.09 -9.46 -5.37
CA MET A 231 -24.97 -8.99 -4.54
C MET A 231 -25.26 -9.16 -3.06
N GLN A 232 -26.39 -8.65 -2.61
CA GLN A 232 -26.78 -8.73 -1.21
C GLN A 232 -26.93 -10.18 -0.78
N ALA A 233 -27.52 -11.00 -1.65
CA ALA A 233 -27.74 -12.42 -1.37
C ALA A 233 -26.44 -13.20 -1.20
N LEU A 234 -25.49 -12.99 -2.11
CA LEU A 234 -24.22 -13.70 -2.03
C LEU A 234 -23.42 -13.21 -0.83
N GLY A 235 -23.64 -11.94 -0.44
CA GLY A 235 -22.95 -11.38 0.69
C GLY A 235 -23.33 -12.02 2.01
N LEU A 236 -24.53 -12.60 2.04
CA LEU A 236 -25.05 -13.26 3.23
C LEU A 236 -24.22 -14.45 3.67
N HIS A 237 -23.44 -15.02 2.76
CA HIS A 237 -22.67 -16.20 3.08
C HIS A 237 -21.16 -16.06 3.14
N LEU A 238 -20.67 -14.82 3.13
CA LEU A 238 -19.24 -14.57 3.19
C LEU A 238 -18.56 -15.00 4.49
N THR A 239 -19.36 -15.23 5.54
CA THR A 239 -18.81 -15.67 6.81
C THR A 239 -19.28 -17.08 7.18
N ASP A 240 -19.86 -17.79 6.22
CA ASP A 240 -20.33 -19.17 6.42
C ASP A 240 -19.12 -20.10 6.58
N PRO A 241 -19.21 -21.06 7.53
CA PRO A 241 -18.16 -22.04 7.84
C PRO A 241 -17.54 -22.75 6.63
N SER A 242 -18.33 -22.87 5.56
CA SER A 242 -17.87 -23.52 4.35
C SER A 242 -16.98 -22.62 3.49
N GLN A 243 -15.73 -23.01 3.33
CA GLN A 243 -14.75 -22.24 2.55
C GLN A 243 -15.08 -22.25 1.06
N ARG A 244 -15.49 -23.40 0.53
CA ARG A 244 -15.82 -23.53 -0.88
C ARG A 244 -16.98 -22.62 -1.24
N LEU A 245 -17.90 -22.42 -0.30
CA LEU A 245 -19.05 -21.55 -0.52
C LEU A 245 -18.59 -20.09 -0.51
N VAL A 246 -17.82 -19.73 0.52
CA VAL A 246 -17.31 -18.36 0.65
C VAL A 246 -16.53 -17.94 -0.59
N GLN A 247 -15.66 -18.83 -1.07
CA GLN A 247 -14.84 -18.52 -2.24
C GLN A 247 -15.65 -18.41 -3.53
N ASN A 248 -16.68 -19.24 -3.68
CA ASN A 248 -17.52 -19.19 -4.87
C ASN A 248 -18.37 -17.91 -4.82
N CYS A 249 -18.81 -17.53 -3.63
CA CYS A 249 -19.61 -16.31 -3.48
C CYS A 249 -18.74 -15.10 -3.84
N LEU A 250 -17.49 -15.11 -3.38
CA LEU A 250 -16.54 -14.03 -3.66
C LEU A 250 -16.23 -13.91 -5.16
N TRP A 251 -15.92 -15.03 -5.82
CA TRP A 251 -15.61 -15.00 -7.26
C TRP A 251 -16.79 -14.45 -8.06
N THR A 252 -18.00 -14.87 -7.68
CA THR A 252 -19.21 -14.43 -8.34
C THR A 252 -19.41 -12.93 -8.10
N LEU A 253 -19.31 -12.52 -6.84
CA LEU A 253 -19.45 -11.11 -6.48
C LEU A 253 -18.49 -10.24 -7.29
N ARG A 254 -17.25 -10.69 -7.43
CA ARG A 254 -16.23 -9.95 -8.18
C ARG A 254 -16.61 -9.79 -9.65
N ASN A 255 -17.04 -10.89 -10.28
CA ASN A 255 -17.47 -10.85 -11.68
C ASN A 255 -18.63 -9.88 -11.89
N LEU A 256 -19.56 -9.89 -10.94
CA LEU A 256 -20.73 -9.03 -11.00
C LEU A 256 -20.44 -7.58 -10.59
N SER A 257 -19.44 -7.37 -9.74
CA SER A 257 -19.12 -6.06 -9.20
C SER A 257 -19.12 -4.84 -10.11
N ASP A 258 -18.65 -4.97 -11.34
CA ASP A 258 -18.62 -3.81 -12.24
C ASP A 258 -19.96 -3.34 -12.75
N ALA A 259 -21.03 -4.07 -12.42
CA ALA A 259 -22.37 -3.71 -12.84
C ALA A 259 -23.28 -3.48 -11.63
N ALA A 260 -22.68 -3.39 -10.44
CA ALA A 260 -23.43 -3.20 -9.21
C ALA A 260 -23.15 -1.89 -8.47
N THR A 261 -22.48 -0.95 -9.14
CA THR A 261 -22.11 0.33 -8.54
C THR A 261 -23.30 1.22 -8.17
N LYS A 262 -24.49 0.87 -8.66
CA LYS A 262 -25.70 1.63 -8.39
C LYS A 262 -26.66 0.93 -7.42
N GLN A 263 -26.24 -0.20 -6.85
CA GLN A 263 -27.08 -0.93 -5.90
C GLN A 263 -27.16 -0.30 -4.52
N GLU A 264 -28.32 -0.40 -3.89
CA GLU A 264 -28.54 0.11 -2.53
C GLU A 264 -28.49 -1.10 -1.59
N GLY A 265 -28.57 -0.84 -0.29
CA GLY A 265 -28.53 -1.92 0.69
C GLY A 265 -27.23 -2.71 0.65
N MET A 266 -26.13 -2.02 0.39
CA MET A 266 -24.83 -2.65 0.28
C MET A 266 -23.97 -2.51 1.54
N GLU A 267 -24.53 -1.89 2.59
CA GLU A 267 -23.79 -1.69 3.84
C GLU A 267 -23.16 -2.95 4.41
N GLY A 268 -23.97 -3.98 4.65
CA GLY A 268 -23.44 -5.22 5.20
C GLY A 268 -22.33 -5.82 4.35
N LEU A 269 -22.58 -5.89 3.05
CA LEU A 269 -21.60 -6.44 2.12
C LEU A 269 -20.27 -5.70 2.23
N LEU A 270 -20.30 -4.37 2.11
CA LEU A 270 -19.08 -3.55 2.18
C LEU A 270 -18.32 -3.76 3.47
N GLY A 271 -19.06 -3.82 4.58
CA GLY A 271 -18.42 -4.02 5.88
C GLY A 271 -17.70 -5.36 5.97
N THR A 272 -18.32 -6.40 5.44
CA THR A 272 -17.73 -7.74 5.45
C THR A 272 -16.48 -7.80 4.55
N LEU A 273 -16.54 -7.17 3.38
CA LEU A 273 -15.40 -7.17 2.47
C LEU A 273 -14.17 -6.50 3.11
N VAL A 274 -14.38 -5.41 3.86
CA VAL A 274 -13.27 -4.71 4.54
C VAL A 274 -12.63 -5.64 5.55
N GLN A 275 -13.45 -6.43 6.25
CA GLN A 275 -12.94 -7.39 7.21
C GLN A 275 -12.11 -8.48 6.53
N LEU A 276 -12.63 -9.00 5.41
CA LEU A 276 -11.95 -10.05 4.66
C LEU A 276 -10.60 -9.64 4.10
N LEU A 277 -10.35 -8.34 4.03
CA LEU A 277 -9.08 -7.83 3.52
C LEU A 277 -7.94 -8.34 4.40
N GLY A 278 -8.27 -8.61 5.66
CA GLY A 278 -7.27 -9.11 6.60
C GLY A 278 -7.15 -10.63 6.70
N SER A 279 -7.88 -11.36 5.85
CA SER A 279 -7.82 -12.82 5.86
C SER A 279 -6.43 -13.36 5.49
N ASP A 280 -6.10 -14.54 6.00
CA ASP A 280 -4.82 -15.18 5.70
C ASP A 280 -4.88 -15.83 4.32
N ASP A 281 -6.11 -16.02 3.83
CA ASP A 281 -6.36 -16.63 2.54
C ASP A 281 -6.18 -15.62 1.40
N ILE A 282 -5.15 -15.85 0.60
CA ILE A 282 -4.80 -14.98 -0.53
C ILE A 282 -5.90 -14.81 -1.57
N ASN A 283 -6.67 -15.87 -1.82
CA ASN A 283 -7.76 -15.79 -2.78
C ASN A 283 -8.90 -14.94 -2.24
N VAL A 284 -9.10 -14.96 -0.93
CA VAL A 284 -10.15 -14.16 -0.28
C VAL A 284 -9.77 -12.68 -0.32
N VAL A 285 -8.54 -12.37 0.07
CA VAL A 285 -8.04 -10.98 0.07
C VAL A 285 -8.09 -10.41 -1.35
N THR A 286 -7.70 -11.23 -2.34
CA THR A 286 -7.69 -10.81 -3.73
C THR A 286 -9.10 -10.46 -4.22
N CYS A 287 -10.09 -11.27 -3.87
CA CYS A 287 -11.45 -10.99 -4.28
C CYS A 287 -12.03 -9.79 -3.53
N ALA A 288 -11.78 -9.71 -2.23
CA ALA A 288 -12.27 -8.59 -1.42
C ALA A 288 -11.77 -7.26 -2.00
N ALA A 289 -10.47 -7.19 -2.28
CA ALA A 289 -9.89 -5.98 -2.85
C ALA A 289 -10.56 -5.66 -4.18
N GLY A 290 -10.66 -6.65 -5.06
CA GLY A 290 -11.27 -6.46 -6.37
C GLY A 290 -12.70 -5.95 -6.34
N ILE A 291 -13.54 -6.58 -5.52
CA ILE A 291 -14.94 -6.19 -5.38
C ILE A 291 -15.04 -4.76 -4.84
N LEU A 292 -14.26 -4.45 -3.81
CA LEU A 292 -14.28 -3.12 -3.21
C LEU A 292 -13.88 -2.03 -4.20
N SER A 293 -12.90 -2.33 -5.05
CA SER A 293 -12.43 -1.37 -6.05
C SER A 293 -13.59 -0.98 -6.96
N ASN A 294 -14.28 -1.99 -7.50
CA ASN A 294 -15.41 -1.73 -8.39
C ASN A 294 -16.60 -1.07 -7.69
N LEU A 295 -16.87 -1.47 -6.45
CA LEU A 295 -18.00 -0.91 -5.70
C LEU A 295 -17.81 0.54 -5.26
N THR A 296 -16.57 0.94 -5.05
CA THR A 296 -16.25 2.30 -4.66
C THR A 296 -16.15 3.21 -5.88
N CYS A 297 -16.11 2.62 -7.07
CA CYS A 297 -15.99 3.38 -8.31
C CYS A 297 -17.18 4.27 -8.63
N ASN A 298 -16.96 5.58 -8.53
CA ASN A 298 -17.99 6.59 -8.81
C ASN A 298 -19.28 6.49 -7.99
N ASN A 299 -19.17 6.03 -6.76
CA ASN A 299 -20.31 5.92 -5.87
C ASN A 299 -19.89 6.51 -4.54
N TYR A 300 -20.21 7.79 -4.33
CA TYR A 300 -19.81 8.45 -3.08
C TYR A 300 -20.36 7.78 -1.84
N LYS A 301 -21.58 7.27 -1.90
CA LYS A 301 -22.18 6.61 -0.74
C LYS A 301 -21.35 5.41 -0.32
N ASN A 302 -20.94 4.59 -1.29
CA ASN A 302 -20.13 3.42 -0.98
C ASN A 302 -18.76 3.86 -0.44
N LYS A 303 -18.20 4.93 -1.01
CA LYS A 303 -16.91 5.44 -0.55
C LYS A 303 -17.02 5.82 0.92
N MET A 304 -18.09 6.55 1.23
CA MET A 304 -18.35 6.99 2.60
C MET A 304 -18.47 5.84 3.58
N MET A 305 -19.22 4.80 3.20
CA MET A 305 -19.39 3.64 4.08
C MET A 305 -18.10 2.88 4.32
N VAL A 306 -17.31 2.69 3.26
CA VAL A 306 -16.04 1.96 3.37
C VAL A 306 -15.10 2.71 4.31
N CYS A 307 -15.00 4.03 4.16
CA CYS A 307 -14.15 4.83 5.04
C CYS A 307 -14.63 4.74 6.48
N GLN A 308 -15.94 4.83 6.68
CA GLN A 308 -16.53 4.77 8.02
C GLN A 308 -16.27 3.46 8.76
N VAL A 309 -16.08 2.36 8.02
CA VAL A 309 -15.80 1.09 8.67
C VAL A 309 -14.28 0.80 8.73
N GLY A 310 -13.48 1.85 8.55
CA GLY A 310 -12.03 1.72 8.59
C GLY A 310 -11.38 1.11 7.36
N GLY A 311 -11.98 1.34 6.20
CA GLY A 311 -11.45 0.80 4.96
C GLY A 311 -10.07 1.29 4.56
N ILE A 312 -9.73 2.54 4.90
CA ILE A 312 -8.41 3.10 4.56
C ILE A 312 -7.32 2.30 5.27
N GLU A 313 -7.46 2.16 6.58
CA GLU A 313 -6.49 1.42 7.38
C GLU A 313 -6.38 -0.03 6.91
N ALA A 314 -7.52 -0.65 6.60
CA ALA A 314 -7.56 -2.03 6.14
C ALA A 314 -6.85 -2.21 4.80
N LEU A 315 -7.09 -1.29 3.86
CA LEU A 315 -6.46 -1.37 2.54
C LEU A 315 -4.95 -1.13 2.59
N VAL A 316 -4.51 -0.19 3.43
CA VAL A 316 -3.08 0.11 3.59
C VAL A 316 -2.37 -1.11 4.17
N ARG A 317 -3.03 -1.76 5.12
CA ARG A 317 -2.49 -2.95 5.75
C ARG A 317 -2.36 -4.08 4.72
N THR A 318 -3.36 -4.19 3.85
CA THR A 318 -3.38 -5.20 2.79
C THR A 318 -2.20 -4.97 1.86
N VAL A 319 -1.99 -3.71 1.48
CA VAL A 319 -0.87 -3.36 0.60
C VAL A 319 0.47 -3.60 1.29
N LEU A 320 0.57 -3.25 2.57
CA LEU A 320 1.81 -3.44 3.34
C LEU A 320 2.29 -4.89 3.41
N ARG A 321 1.37 -5.82 3.66
CA ARG A 321 1.75 -7.23 3.76
C ARG A 321 1.72 -7.99 2.44
N ALA A 322 1.21 -7.35 1.39
CA ALA A 322 1.09 -8.00 0.08
C ALA A 322 2.38 -8.10 -0.74
N GLY A 323 3.35 -7.23 -0.47
CA GLY A 323 4.59 -7.28 -1.22
C GLY A 323 4.39 -7.13 -2.72
N ASP A 324 5.04 -7.98 -3.50
CA ASP A 324 4.94 -7.92 -4.96
C ASP A 324 3.71 -8.55 -5.62
N ARG A 325 2.76 -9.05 -4.83
CA ARG A 325 1.55 -9.66 -5.39
C ARG A 325 0.65 -8.59 -6.00
N GLU A 326 0.75 -8.43 -7.32
CA GLU A 326 -0.02 -7.42 -8.03
C GLU A 326 -1.51 -7.72 -8.16
N ASP A 327 -1.89 -8.99 -7.94
CA ASP A 327 -3.29 -9.39 -8.01
C ASP A 327 -4.03 -8.73 -6.85
N ILE A 328 -3.30 -8.47 -5.76
CA ILE A 328 -3.83 -7.84 -4.56
C ILE A 328 -3.61 -6.32 -4.55
N THR A 329 -2.39 -5.89 -4.88
CA THR A 329 -2.05 -4.46 -4.86
C THR A 329 -2.76 -3.60 -5.87
N GLU A 330 -2.96 -4.09 -7.09
CA GLU A 330 -3.65 -3.27 -8.09
C GLU A 330 -5.07 -2.91 -7.65
N PRO A 331 -5.89 -3.91 -7.30
CA PRO A 331 -7.25 -3.54 -6.87
C PRO A 331 -7.29 -2.76 -5.57
N ALA A 332 -6.39 -3.10 -4.64
CA ALA A 332 -6.35 -2.40 -3.36
C ALA A 332 -5.96 -0.93 -3.58
N ILE A 333 -5.01 -0.69 -4.48
CA ILE A 333 -4.57 0.67 -4.79
C ILE A 333 -5.69 1.40 -5.54
N CYS A 334 -6.37 0.70 -6.43
CA CYS A 334 -7.48 1.32 -7.17
C CYS A 334 -8.58 1.72 -6.20
N ALA A 335 -8.77 0.90 -5.15
CA ALA A 335 -9.79 1.17 -4.14
C ALA A 335 -9.38 2.41 -3.35
N LEU A 336 -8.11 2.48 -2.96
CA LEU A 336 -7.61 3.64 -2.22
C LEU A 336 -7.71 4.90 -3.08
N ARG A 337 -7.50 4.73 -4.39
CA ARG A 337 -7.60 5.84 -5.32
C ARG A 337 -9.04 6.36 -5.31
N HIS A 338 -9.99 5.43 -5.41
CA HIS A 338 -11.41 5.80 -5.39
C HIS A 338 -11.81 6.50 -4.10
N LEU A 339 -11.32 5.97 -2.98
CA LEU A 339 -11.63 6.51 -1.65
C LEU A 339 -11.02 7.87 -1.32
N THR A 340 -9.98 8.27 -2.06
CA THR A 340 -9.32 9.54 -1.83
C THR A 340 -9.77 10.69 -2.73
N SER A 341 -10.97 10.59 -3.30
CA SER A 341 -11.46 11.64 -4.16
C SER A 341 -12.98 11.70 -4.32
N ARG A 342 -13.46 12.93 -4.49
CA ARG A 342 -14.87 13.23 -4.73
C ARG A 342 -15.96 12.74 -3.77
N HIS A 343 -15.72 12.87 -2.47
CA HIS A 343 -16.74 12.55 -1.47
C HIS A 343 -16.42 13.33 -0.19
N GLN A 344 -17.40 13.44 0.69
CA GLN A 344 -17.27 14.19 1.94
C GLN A 344 -16.07 13.85 2.79
N GLU A 345 -15.67 12.58 2.81
CA GLU A 345 -14.53 12.14 3.60
C GLU A 345 -13.26 11.94 2.76
N ALA A 346 -13.26 12.42 1.52
CA ALA A 346 -12.12 12.27 0.63
C ALA A 346 -10.84 12.91 1.19
N GLU A 347 -11.00 14.11 1.75
CA GLU A 347 -9.88 14.85 2.33
C GLU A 347 -9.34 14.10 3.53
N MET A 348 -10.24 13.55 4.33
CA MET A 348 -9.88 12.78 5.52
C MET A 348 -9.17 11.50 5.10
N ALA A 349 -9.57 10.92 3.97
CA ALA A 349 -8.97 9.69 3.48
C ALA A 349 -7.55 9.95 2.97
N GLN A 350 -7.35 11.13 2.36
CA GLN A 350 -6.04 11.51 1.83
C GLN A 350 -5.00 11.60 2.95
N ASN A 351 -5.42 12.12 4.10
CA ASN A 351 -4.56 12.26 5.27
C ASN A 351 -4.35 10.91 5.95
N ALA A 352 -5.44 10.13 6.02
CA ALA A 352 -5.43 8.82 6.66
C ALA A 352 -4.42 7.85 6.06
N VAL A 353 -4.23 7.90 4.74
CA VAL A 353 -3.24 7.04 4.09
C VAL A 353 -1.87 7.32 4.70
N ARG A 354 -1.55 8.60 4.90
CA ARG A 354 -0.28 8.99 5.49
C ARG A 354 -0.26 8.56 6.96
N LEU A 355 -1.32 8.88 7.68
CA LEU A 355 -1.40 8.53 9.10
C LEU A 355 -1.37 7.03 9.38
N HIS A 356 -1.63 6.22 8.37
CA HIS A 356 -1.55 4.78 8.54
C HIS A 356 -0.26 4.21 7.96
N TYR A 357 0.72 5.10 7.79
CA TYR A 357 2.06 4.74 7.31
C TYR A 357 2.06 4.08 5.94
N GLY A 358 1.25 4.63 5.03
CA GLY A 358 1.17 4.03 3.71
C GLY A 358 1.92 4.73 2.60
N LEU A 359 2.39 5.95 2.82
CA LEU A 359 3.09 6.68 1.77
C LEU A 359 4.33 5.99 1.20
N PRO A 360 5.24 5.50 2.06
CA PRO A 360 6.45 4.84 1.53
C PRO A 360 6.13 3.65 0.61
N VAL A 361 5.27 2.74 1.07
CA VAL A 361 4.92 1.57 0.26
C VAL A 361 4.17 1.98 -1.01
N VAL A 362 3.38 3.04 -0.92
CA VAL A 362 2.65 3.52 -2.08
C VAL A 362 3.61 4.06 -3.16
N VAL A 363 4.57 4.90 -2.77
CA VAL A 363 5.53 5.42 -3.75
C VAL A 363 6.43 4.30 -4.28
N LYS A 364 6.72 3.31 -3.43
CA LYS A 364 7.54 2.17 -3.80
C LYS A 364 6.92 1.36 -4.96
N LEU A 365 5.59 1.24 -4.96
CA LEU A 365 4.89 0.49 -6.02
C LEU A 365 5.04 1.08 -7.42
N LEU A 366 5.60 2.28 -7.52
CA LEU A 366 5.84 2.94 -8.80
C LEU A 366 7.07 2.32 -9.49
N HIS A 367 7.95 1.73 -8.68
CA HIS A 367 9.19 1.11 -9.13
C HIS A 367 9.07 -0.37 -9.47
N PRO A 368 10.07 -0.91 -10.21
CA PRO A 368 10.09 -2.33 -10.60
C PRO A 368 10.00 -3.17 -9.33
N PRO A 369 9.47 -4.41 -9.44
CA PRO A 369 8.96 -5.09 -10.64
C PRO A 369 7.51 -4.79 -11.00
N SER A 370 6.92 -3.74 -10.43
CA SER A 370 5.52 -3.39 -10.72
C SER A 370 5.25 -3.28 -12.21
N HIS A 371 4.09 -3.77 -12.64
CA HIS A 371 3.70 -3.71 -14.04
C HIS A 371 2.77 -2.53 -14.30
N TRP A 372 2.63 -2.16 -15.57
CA TRP A 372 1.79 -1.02 -15.97
C TRP A 372 0.41 -0.87 -15.30
N PRO A 373 -0.35 -1.97 -15.13
CA PRO A 373 -1.66 -1.81 -14.48
C PRO A 373 -1.53 -1.20 -13.07
N LEU A 374 -0.63 -1.77 -12.27
CA LEU A 374 -0.39 -1.31 -10.91
C LEU A 374 0.22 0.09 -10.89
N ILE A 375 1.13 0.38 -11.81
CA ILE A 375 1.76 1.69 -11.86
C ILE A 375 0.73 2.76 -12.17
N LYS A 376 -0.11 2.51 -13.17
CA LYS A 376 -1.16 3.44 -13.57
C LYS A 376 -2.09 3.76 -12.40
N ALA A 377 -2.46 2.72 -11.65
CA ALA A 377 -3.33 2.87 -10.49
C ALA A 377 -2.65 3.67 -9.40
N THR A 378 -1.39 3.34 -9.15
CA THR A 378 -0.59 3.99 -8.12
C THR A 378 -0.35 5.48 -8.41
N VAL A 379 -0.20 5.81 -9.69
CA VAL A 379 -0.01 7.20 -10.12
C VAL A 379 -1.33 7.92 -9.84
N GLY A 380 -2.44 7.24 -10.08
CA GLY A 380 -3.74 7.84 -9.84
C GLY A 380 -3.93 8.14 -8.36
N LEU A 381 -3.50 7.20 -7.51
CA LEU A 381 -3.61 7.36 -6.06
C LEU A 381 -2.72 8.50 -5.55
N ILE A 382 -1.48 8.54 -6.04
CA ILE A 382 -0.54 9.58 -5.64
C ILE A 382 -1.09 10.96 -6.04
N ARG A 383 -1.74 11.01 -7.20
CA ARG A 383 -2.35 12.22 -7.73
C ARG A 383 -3.41 12.74 -6.74
N ASN A 384 -4.19 11.83 -6.17
CA ASN A 384 -5.22 12.19 -5.19
C ASN A 384 -4.60 12.57 -3.86
N LEU A 385 -3.57 11.84 -3.45
CA LEU A 385 -2.89 12.11 -2.18
C LEU A 385 -2.26 13.49 -2.20
N ALA A 386 -1.81 13.92 -3.37
CA ALA A 386 -1.17 15.22 -3.54
C ALA A 386 -2.17 16.37 -3.33
N LEU A 387 -3.46 16.07 -3.36
CA LEU A 387 -4.47 17.11 -3.15
C LEU A 387 -4.36 17.62 -1.70
N CYS A 388 -3.83 16.78 -0.83
CA CYS A 388 -3.65 17.11 0.58
C CYS A 388 -2.28 17.75 0.81
N PRO A 389 -2.24 19.02 1.24
CA PRO A 389 -1.01 19.77 1.50
C PRO A 389 -0.06 19.03 2.42
N ALA A 390 -0.61 18.32 3.40
CA ALA A 390 0.17 17.56 4.36
C ALA A 390 0.96 16.43 3.70
N ASN A 391 0.54 16.04 2.49
CA ASN A 391 1.24 14.98 1.77
C ASN A 391 2.31 15.49 0.81
N HIS A 392 2.38 16.82 0.62
CA HIS A 392 3.34 17.43 -0.30
C HIS A 392 4.79 17.07 -0.01
N ALA A 393 5.22 17.32 1.23
CA ALA A 393 6.59 17.03 1.65
C ALA A 393 6.92 15.53 1.76
N PRO A 394 6.08 14.75 2.48
CA PRO A 394 6.41 13.32 2.58
C PRO A 394 6.53 12.61 1.23
N LEU A 395 5.67 12.97 0.28
CA LEU A 395 5.70 12.38 -1.04
C LEU A 395 7.02 12.71 -1.75
N ARG A 396 7.48 13.95 -1.59
CA ARG A 396 8.74 14.37 -2.20
C ARG A 396 9.89 13.62 -1.55
N GLU A 397 9.83 13.47 -0.24
CA GLU A 397 10.87 12.76 0.51
C GLU A 397 10.97 11.28 0.15
N GLN A 398 9.88 10.72 -0.38
CA GLN A 398 9.87 9.32 -0.79
C GLN A 398 10.34 9.15 -2.25
N GLY A 399 10.78 10.26 -2.85
CA GLY A 399 11.25 10.21 -4.22
C GLY A 399 10.18 10.10 -5.29
N ALA A 400 8.95 10.49 -4.97
CA ALA A 400 7.86 10.40 -5.93
C ALA A 400 8.02 11.26 -7.17
N ILE A 401 8.58 12.46 -7.02
CA ILE A 401 8.73 13.34 -8.18
C ILE A 401 9.64 12.79 -9.30
N PRO A 402 10.88 12.38 -8.97
CA PRO A 402 11.73 11.84 -10.05
C PRO A 402 11.22 10.53 -10.65
N ARG A 403 10.49 9.73 -9.88
CA ARG A 403 9.96 8.49 -10.41
C ARG A 403 8.80 8.81 -11.36
N LEU A 404 7.97 9.77 -10.99
CA LEU A 404 6.84 10.17 -11.85
C LEU A 404 7.37 10.77 -13.15
N VAL A 405 8.43 11.55 -13.07
CA VAL A 405 9.05 12.16 -14.24
C VAL A 405 9.62 11.05 -15.14
N GLN A 406 10.27 10.06 -14.55
CA GLN A 406 10.84 8.94 -15.32
C GLN A 406 9.75 8.21 -16.11
N LEU A 407 8.65 7.89 -15.42
CA LEU A 407 7.52 7.20 -16.03
C LEU A 407 6.92 8.04 -17.15
N LEU A 408 6.83 9.34 -16.92
CA LEU A 408 6.30 10.26 -17.93
C LEU A 408 7.18 10.28 -19.19
N VAL A 409 8.49 10.43 -19.01
CA VAL A 409 9.42 10.47 -20.14
C VAL A 409 9.30 9.19 -20.96
N ARG A 410 9.47 8.05 -20.30
CA ARG A 410 9.37 6.77 -20.97
C ARG A 410 8.03 6.57 -21.69
N ALA A 411 6.91 6.87 -21.02
CA ALA A 411 5.60 6.71 -21.63
C ALA A 411 5.42 7.60 -22.85
N HIS A 412 5.87 8.84 -22.75
CA HIS A 412 5.75 9.78 -23.85
C HIS A 412 6.59 9.38 -25.05
N GLN A 413 7.83 8.98 -24.82
CA GLN A 413 8.69 8.59 -25.93
C GLN A 413 8.12 7.34 -26.61
N ASP A 414 7.48 6.47 -25.84
CA ASP A 414 6.90 5.26 -26.41
C ASP A 414 5.66 5.51 -27.26
N THR A 415 5.15 6.75 -27.25
CA THR A 415 3.98 7.10 -28.05
C THR A 415 4.41 7.62 -29.43
N GLN A 416 5.72 7.80 -29.63
CA GLN A 416 6.21 8.28 -30.92
C GLN A 416 6.05 7.21 -31.99
N ARG A 417 5.42 7.61 -33.10
CA ARG A 417 5.21 6.71 -34.22
C ARG A 417 5.24 7.50 -35.52
N ARG A 418 5.44 6.78 -36.62
CA ARG A 418 5.49 7.39 -37.95
C ARG A 418 4.10 7.89 -38.36
N PHE A 428 -0.89 -0.21 -26.78
CA PHE A 428 -1.18 -1.05 -25.59
C PHE A 428 0.02 -1.85 -25.08
N VAL A 429 0.42 -1.56 -23.84
CA VAL A 429 1.54 -2.25 -23.19
C VAL A 429 1.02 -2.79 -21.86
N GLU A 430 0.99 -4.11 -21.73
CA GLU A 430 0.49 -4.78 -20.53
C GLU A 430 -0.91 -4.27 -20.21
N GLY A 431 -1.72 -4.12 -21.26
CA GLY A 431 -3.09 -3.66 -21.13
C GLY A 431 -3.29 -2.18 -20.83
N VAL A 432 -2.22 -1.40 -20.88
CA VAL A 432 -2.31 0.04 -20.59
C VAL A 432 -1.78 0.89 -21.74
N ARG A 433 -2.51 1.95 -22.08
CA ARG A 433 -2.08 2.85 -23.15
C ARG A 433 -1.13 3.88 -22.57
N MET A 434 0.06 4.02 -23.16
CA MET A 434 1.04 4.99 -22.68
C MET A 434 0.49 6.41 -22.57
N GLU A 435 -0.51 6.74 -23.41
CA GLU A 435 -1.14 8.05 -23.38
C GLU A 435 -1.83 8.31 -22.04
N GLU A 436 -2.28 7.23 -21.39
CA GLU A 436 -2.95 7.32 -20.08
C GLU A 436 -1.93 7.64 -19.00
N ILE A 437 -0.74 7.07 -19.15
CA ILE A 437 0.35 7.29 -18.21
C ILE A 437 0.87 8.72 -18.34
N VAL A 438 0.94 9.22 -19.57
CA VAL A 438 1.41 10.58 -19.81
C VAL A 438 0.48 11.56 -19.10
N GLU A 439 -0.83 11.39 -19.30
CA GLU A 439 -1.82 12.26 -18.67
C GLU A 439 -1.75 12.11 -17.14
N GLY A 440 -1.71 10.86 -16.69
CA GLY A 440 -1.65 10.58 -15.26
C GLY A 440 -0.46 11.16 -14.52
N CYS A 441 0.75 10.91 -15.03
CA CYS A 441 1.96 11.42 -14.39
C CYS A 441 2.01 12.94 -14.39
N THR A 442 1.62 13.55 -15.50
CA THR A 442 1.62 15.01 -15.64
C THR A 442 0.56 15.61 -14.72
N GLY A 443 -0.57 14.91 -14.60
CA GLY A 443 -1.63 15.38 -13.72
C GLY A 443 -1.15 15.34 -12.28
N ALA A 444 -0.45 14.26 -11.91
CA ALA A 444 0.08 14.12 -10.56
C ALA A 444 1.10 15.21 -10.28
N LEU A 445 1.93 15.51 -11.28
CA LEU A 445 2.95 16.53 -11.16
C LEU A 445 2.32 17.92 -11.02
N HIS A 446 1.22 18.13 -11.76
CA HIS A 446 0.49 19.38 -11.74
C HIS A 446 0.02 19.70 -10.32
N ILE A 447 -0.48 18.69 -9.63
CA ILE A 447 -0.96 18.85 -8.25
C ILE A 447 0.19 19.01 -7.27
N LEU A 448 1.22 18.18 -7.41
CA LEU A 448 2.38 18.27 -6.52
C LEU A 448 3.08 19.62 -6.69
N ALA A 449 2.94 20.23 -7.87
CA ALA A 449 3.56 21.51 -8.18
C ALA A 449 2.95 22.68 -7.41
N ARG A 450 1.87 22.41 -6.66
CA ARG A 450 1.25 23.47 -5.86
C ARG A 450 2.20 23.89 -4.74
N ASP A 451 3.15 23.01 -4.41
CA ASP A 451 4.14 23.27 -3.36
C ASP A 451 5.39 23.90 -3.98
N VAL A 452 5.97 24.88 -3.29
CA VAL A 452 7.16 25.57 -3.80
C VAL A 452 8.42 24.71 -3.88
N HIS A 453 8.67 23.90 -2.87
CA HIS A 453 9.84 23.03 -2.87
C HIS A 453 9.73 22.00 -3.99
N ASN A 454 8.52 21.49 -4.21
CA ASN A 454 8.28 20.52 -5.27
C ASN A 454 8.51 21.15 -6.64
N ARG A 455 8.12 22.41 -6.79
CA ARG A 455 8.32 23.13 -8.05
C ARG A 455 9.80 23.19 -8.40
N ILE A 456 10.63 23.43 -7.39
CA ILE A 456 12.07 23.48 -7.60
C ILE A 456 12.57 22.12 -8.06
N VAL A 457 12.14 21.06 -7.38
CA VAL A 457 12.53 19.70 -7.73
C VAL A 457 12.13 19.37 -9.17
N ILE A 458 10.88 19.70 -9.52
CA ILE A 458 10.34 19.44 -10.85
C ILE A 458 11.12 20.16 -11.97
N ARG A 459 11.39 21.46 -11.78
CA ARG A 459 12.12 22.24 -12.79
C ARG A 459 13.57 21.76 -12.89
N GLY A 460 14.15 21.35 -11.76
CA GLY A 460 15.52 20.87 -11.74
C GLY A 460 15.75 19.60 -12.54
N LEU A 461 14.66 18.86 -12.79
CA LEU A 461 14.75 17.62 -13.55
C LEU A 461 14.61 17.90 -15.05
N ASN A 462 14.73 19.18 -15.42
CA ASN A 462 14.63 19.62 -16.81
C ASN A 462 13.37 19.13 -17.51
N THR A 463 12.22 19.32 -16.85
CA THR A 463 10.95 18.88 -17.39
C THR A 463 10.25 19.86 -18.34
N ILE A 464 10.58 21.14 -18.20
CA ILE A 464 9.96 22.18 -19.02
C ILE A 464 9.91 21.90 -20.53
N PRO A 465 11.01 21.42 -21.14
CA PRO A 465 10.98 21.15 -22.58
C PRO A 465 9.91 20.10 -22.91
N LEU A 466 9.82 19.07 -22.07
CA LEU A 466 8.81 18.03 -22.28
C LEU A 466 7.40 18.58 -22.11
N PHE A 467 7.15 19.28 -21.01
CA PHE A 467 5.82 19.85 -20.75
C PHE A 467 5.34 20.76 -21.88
N VAL A 468 6.28 21.51 -22.47
CA VAL A 468 5.95 22.40 -23.58
C VAL A 468 5.59 21.53 -24.78
N GLN A 469 6.39 20.50 -25.03
CA GLN A 469 6.15 19.58 -26.13
C GLN A 469 4.75 18.98 -26.00
N LEU A 470 4.34 18.69 -24.77
CA LEU A 470 3.02 18.11 -24.52
C LEU A 470 1.86 19.02 -24.89
N LEU A 471 2.13 20.33 -25.01
CA LEU A 471 1.11 21.29 -25.39
C LEU A 471 0.63 21.04 -26.82
N TYR A 472 1.43 20.31 -27.59
CA TYR A 472 1.11 19.99 -28.98
C TYR A 472 0.36 18.68 -29.16
N SER A 473 0.17 17.95 -28.07
CA SER A 473 -0.53 16.67 -28.09
C SER A 473 -1.95 16.82 -28.63
N PRO A 474 -2.40 15.84 -29.44
CA PRO A 474 -3.75 15.85 -30.02
C PRO A 474 -4.78 15.69 -28.92
N ILE A 475 -4.42 14.90 -27.90
CA ILE A 475 -5.27 14.62 -26.76
C ILE A 475 -5.36 15.85 -25.85
N GLU A 476 -6.55 16.43 -25.77
CA GLU A 476 -6.77 17.62 -24.96
C GLU A 476 -6.60 17.40 -23.45
N ASN A 477 -6.83 16.17 -22.98
CA ASN A 477 -6.66 15.86 -21.57
C ASN A 477 -5.19 16.07 -21.20
N ILE A 478 -4.31 15.73 -22.13
CA ILE A 478 -2.87 15.88 -21.92
C ILE A 478 -2.51 17.36 -22.05
N GLN A 479 -3.15 18.07 -22.98
CA GLN A 479 -2.90 19.49 -23.16
C GLN A 479 -3.25 20.23 -21.87
N ARG A 480 -4.34 19.80 -21.23
CA ARG A 480 -4.80 20.40 -19.99
C ARG A 480 -3.81 20.29 -18.86
N VAL A 481 -3.32 19.08 -18.59
CA VAL A 481 -2.38 18.87 -17.51
C VAL A 481 -1.01 19.50 -17.78
N ALA A 482 -0.62 19.56 -19.05
CA ALA A 482 0.66 20.16 -19.42
C ALA A 482 0.59 21.66 -19.15
N ALA A 483 -0.51 22.28 -19.59
CA ALA A 483 -0.71 23.72 -19.39
C ALA A 483 -0.79 23.99 -17.90
N GLY A 484 -1.49 23.13 -17.17
CA GLY A 484 -1.63 23.26 -15.73
C GLY A 484 -0.33 23.22 -14.96
N VAL A 485 0.51 22.23 -15.22
CA VAL A 485 1.78 22.15 -14.48
C VAL A 485 2.68 23.35 -14.85
N LEU A 486 2.61 23.80 -16.09
CA LEU A 486 3.40 24.95 -16.53
C LEU A 486 2.87 26.20 -15.83
N CYS A 487 1.55 26.22 -15.60
CA CYS A 487 0.89 27.33 -14.92
C CYS A 487 1.46 27.49 -13.51
N GLU A 488 1.63 26.36 -12.81
CA GLU A 488 2.17 26.36 -11.46
C GLU A 488 3.64 26.78 -11.45
N LEU A 489 4.42 26.16 -12.34
CA LEU A 489 5.86 26.45 -12.43
C LEU A 489 6.15 27.90 -12.88
N ALA A 490 5.32 28.42 -13.78
CA ALA A 490 5.48 29.76 -14.33
C ALA A 490 5.47 30.90 -13.32
N GLN A 491 4.91 30.67 -12.14
CA GLN A 491 4.88 31.73 -11.12
C GLN A 491 6.28 32.01 -10.59
N ASP A 492 7.25 31.27 -11.13
CA ASP A 492 8.65 31.43 -10.78
C ASP A 492 9.30 32.11 -12.00
N LYS A 493 9.97 33.23 -11.76
CA LYS A 493 10.62 34.01 -12.80
C LYS A 493 11.46 33.23 -13.82
N GLU A 494 12.45 32.50 -13.32
CA GLU A 494 13.33 31.71 -14.18
C GLU A 494 12.55 30.67 -14.97
N ALA A 495 11.54 30.08 -14.35
CA ALA A 495 10.71 29.09 -15.00
C ALA A 495 9.91 29.72 -16.13
N ALA A 496 9.32 30.88 -15.84
CA ALA A 496 8.54 31.60 -16.83
C ALA A 496 9.37 31.92 -18.07
N GLU A 497 10.60 32.40 -17.85
CA GLU A 497 11.50 32.74 -18.94
C GLU A 497 11.93 31.49 -19.71
N ALA A 498 12.18 30.40 -18.99
CA ALA A 498 12.59 29.15 -19.60
C ALA A 498 11.47 28.63 -20.50
N ILE A 499 10.23 28.74 -20.02
CA ILE A 499 9.06 28.30 -20.77
C ILE A 499 8.93 29.12 -22.06
N GLU A 500 9.20 30.42 -21.96
CA GLU A 500 9.14 31.30 -23.13
C GLU A 500 10.21 30.91 -24.13
N ALA A 501 11.42 30.65 -23.63
CA ALA A 501 12.55 30.26 -24.47
C ALA A 501 12.27 28.99 -25.25
N GLU A 502 11.42 28.13 -24.68
CA GLU A 502 11.06 26.86 -25.32
C GLU A 502 10.09 27.10 -26.47
N GLY A 503 9.67 28.35 -26.65
CA GLY A 503 8.75 28.69 -27.72
C GLY A 503 7.33 28.26 -27.40
N ALA A 504 6.97 28.34 -26.13
CA ALA A 504 5.63 27.95 -25.68
C ALA A 504 4.54 28.97 -25.98
N THR A 505 4.95 30.19 -26.33
CA THR A 505 4.00 31.26 -26.64
C THR A 505 2.99 30.91 -27.73
N ALA A 506 3.46 30.33 -28.82
CA ALA A 506 2.58 29.95 -29.93
C ALA A 506 1.50 28.92 -29.57
N PRO A 507 1.90 27.73 -29.07
CA PRO A 507 0.87 26.73 -28.73
C PRO A 507 -0.11 27.19 -27.65
N LEU A 508 0.40 27.90 -26.65
CA LEU A 508 -0.44 28.42 -25.57
C LEU A 508 -1.46 29.42 -26.07
N THR A 509 -1.07 30.24 -27.04
CA THR A 509 -1.96 31.24 -27.62
C THR A 509 -3.08 30.52 -28.36
N GLU A 510 -2.73 29.43 -29.04
CA GLU A 510 -3.69 28.62 -29.77
C GLU A 510 -4.67 27.97 -28.80
N LEU A 511 -4.14 27.49 -27.67
CA LEU A 511 -4.96 26.84 -26.64
C LEU A 511 -5.94 27.79 -25.97
N LEU A 512 -5.75 29.09 -26.16
CA LEU A 512 -6.64 30.10 -25.57
C LEU A 512 -8.07 29.96 -26.11
N HIS A 513 -8.19 29.37 -27.29
CA HIS A 513 -9.49 29.17 -27.93
C HIS A 513 -10.12 27.82 -27.59
N SER A 514 -9.36 26.97 -26.90
CA SER A 514 -9.83 25.64 -26.51
C SER A 514 -11.21 25.64 -25.88
N ARG A 515 -12.05 24.70 -26.29
CA ARG A 515 -13.40 24.55 -25.78
C ARG A 515 -13.33 24.21 -24.29
N ASN A 516 -12.21 23.62 -23.89
CA ASN A 516 -11.98 23.24 -22.50
C ASN A 516 -11.57 24.50 -21.73
N GLU A 517 -12.45 24.91 -20.81
CA GLU A 517 -12.22 26.09 -19.98
C GLU A 517 -10.93 25.97 -19.19
N GLY A 518 -10.69 24.79 -18.62
CA GLY A 518 -9.48 24.55 -17.85
C GLY A 518 -8.24 24.81 -18.67
N VAL A 519 -8.21 24.25 -19.88
CA VAL A 519 -7.08 24.43 -20.79
C VAL A 519 -6.86 25.91 -21.12
N ALA A 520 -7.96 26.61 -21.42
CA ALA A 520 -7.89 28.03 -21.76
C ALA A 520 -7.38 28.88 -20.60
N THR A 521 -7.89 28.63 -19.40
CA THR A 521 -7.49 29.37 -18.20
C THR A 521 -6.01 29.16 -17.89
N TYR A 522 -5.55 27.91 -17.91
CA TYR A 522 -4.15 27.61 -17.64
C TYR A 522 -3.23 28.31 -18.65
N ALA A 523 -3.61 28.22 -19.93
CA ALA A 523 -2.84 28.82 -21.01
C ALA A 523 -2.66 30.32 -20.77
N ALA A 524 -3.76 31.00 -20.49
CA ALA A 524 -3.74 32.44 -20.23
C ALA A 524 -2.87 32.74 -19.02
N ALA A 525 -2.98 31.92 -17.98
CA ALA A 525 -2.18 32.11 -16.77
C ALA A 525 -0.71 32.09 -17.12
N VAL A 526 -0.28 31.08 -17.89
CA VAL A 526 1.12 30.93 -18.28
C VAL A 526 1.55 32.12 -19.14
N LEU A 527 0.69 32.54 -20.07
CA LEU A 527 1.00 33.68 -20.94
C LEU A 527 1.22 34.96 -20.13
N PHE A 528 0.35 35.20 -19.15
CA PHE A 528 0.46 36.37 -18.29
C PHE A 528 1.77 36.35 -17.53
N ARG A 529 2.12 35.18 -16.99
CA ARG A 529 3.35 35.01 -16.23
C ARG A 529 4.59 35.34 -17.06
N MET A 530 4.59 34.91 -18.32
CA MET A 530 5.72 35.15 -19.21
C MET A 530 5.86 36.62 -19.57
N SER A 531 4.75 37.26 -19.93
CA SER A 531 4.73 38.67 -20.30
C SER A 531 5.22 39.57 -19.16
N GLU A 532 4.97 39.16 -17.93
CA GLU A 532 5.38 39.93 -16.76
C GLU A 532 6.88 39.84 -16.49
N PRO B 2 -8.50 15.37 -29.69
CA PRO B 2 -9.11 14.07 -29.25
C PRO B 2 -9.11 13.95 -27.73
N GLN B 3 -10.04 13.18 -27.21
CA GLN B 3 -10.16 12.96 -25.77
C GLN B 3 -9.54 11.63 -25.37
N LEU B 4 -9.14 11.52 -24.11
CA LEU B 4 -8.53 10.30 -23.60
C LEU B 4 -9.59 9.21 -23.49
N ASN B 5 -9.31 8.04 -24.07
CA ASN B 5 -10.24 6.92 -24.06
C ASN B 5 -10.55 6.39 -22.67
N SER B 6 -9.59 6.51 -21.76
CA SER B 6 -9.76 6.04 -20.38
C SER B 6 -8.87 6.86 -19.45
N GLY B 7 -9.00 6.61 -18.16
CA GLY B 7 -8.19 7.32 -17.18
C GLY B 7 -8.53 8.79 -17.10
N GLY B 8 -7.51 9.63 -17.08
CA GLY B 8 -7.72 11.07 -17.02
C GLY B 8 -8.05 11.57 -15.62
N GLY B 9 -8.41 12.85 -15.54
CA GLY B 9 -8.75 13.45 -14.27
C GLY B 9 -8.70 14.95 -14.33
N ASP B 10 -8.87 15.60 -13.19
CA ASP B 10 -8.83 17.05 -13.11
C ASP B 10 -8.34 17.55 -11.75
N GLU B 11 -8.68 18.78 -11.41
CA GLU B 11 -8.26 19.38 -10.15
C GLU B 11 -8.81 18.65 -8.93
N LEU B 12 -9.81 17.79 -9.14
CA LEU B 12 -10.39 17.02 -8.04
C LEU B 12 -9.77 15.61 -7.96
N GLY B 13 -8.75 15.38 -8.79
CA GLY B 13 -8.06 14.10 -8.76
C GLY B 13 -8.25 13.20 -9.98
N ALA B 14 -7.61 12.03 -9.92
CA ALA B 14 -7.67 11.05 -10.97
C ALA B 14 -9.09 10.53 -11.12
N ASN B 15 -9.43 10.10 -12.34
CA ASN B 15 -10.76 9.56 -12.58
C ASN B 15 -10.84 8.11 -12.10
N ASP B 16 -11.93 7.78 -11.42
CA ASP B 16 -12.17 6.42 -10.93
C ASP B 16 -12.33 5.54 -12.16
N GLU B 17 -12.01 4.26 -12.03
CA GLU B 17 -12.13 3.32 -13.15
C GLU B 17 -12.50 1.91 -12.71
N LEU B 18 -13.30 1.26 -13.54
CA LEU B 18 -13.75 -0.10 -13.27
C LEU B 18 -12.77 -1.15 -13.78
N ILE B 19 -12.61 -2.23 -13.03
CA ILE B 19 -11.73 -3.33 -13.42
C ILE B 19 -12.70 -4.40 -13.89
N ARG B 20 -12.65 -4.73 -15.18
CA ARG B 20 -13.55 -5.72 -15.76
C ARG B 20 -13.17 -7.15 -15.40
N PHE B 21 -13.83 -7.70 -14.38
CA PHE B 21 -13.56 -9.08 -13.97
C PHE B 21 -14.57 -9.98 -14.66
N LYS B 22 -14.10 -11.08 -15.23
CA LYS B 22 -14.98 -12.01 -15.93
C LYS B 22 -14.38 -13.41 -15.93
N ASP B 23 -14.11 -13.92 -14.73
CA ASP B 23 -13.51 -15.25 -14.57
C ASP B 23 -14.55 -16.33 -14.27
N GLU B 24 -14.81 -17.17 -15.27
CA GLU B 24 -15.75 -18.28 -15.13
C GLU B 24 -14.93 -19.43 -14.53
N GLY B 25 -13.77 -19.64 -15.16
CA GLY B 25 -12.80 -20.66 -14.76
C GLY B 25 -13.15 -21.90 -13.96
N GLU B 26 -12.77 -23.04 -14.53
CA GLU B 26 -12.96 -24.36 -13.91
C GLU B 26 -14.34 -24.93 -13.66
N GLN B 27 -14.63 -26.02 -14.36
CA GLN B 27 -15.87 -26.77 -14.20
C GLN B 27 -15.31 -28.12 -13.81
N GLU B 28 -15.54 -28.51 -12.56
CA GLU B 28 -15.05 -29.78 -12.06
C GLU B 28 -15.66 -30.95 -12.84
N GLU B 29 -15.19 -31.12 -14.07
CA GLU B 29 -15.64 -32.18 -14.97
C GLU B 29 -14.82 -33.46 -14.77
N ASP B 40 -19.81 -33.63 -4.19
CA ASP B 40 -20.21 -35.00 -3.81
C ASP B 40 -21.72 -35.07 -3.58
N LEU B 41 -22.43 -35.24 -4.69
CA LEU B 41 -23.89 -35.32 -4.66
C LEU B 41 -24.39 -36.75 -4.71
N ALA B 42 -23.45 -37.69 -4.75
CA ALA B 42 -23.77 -39.11 -4.79
C ALA B 42 -24.73 -39.50 -3.67
N ASP B 43 -24.35 -39.16 -2.43
CA ASP B 43 -25.17 -39.46 -1.27
C ASP B 43 -26.47 -38.68 -1.33
N VAL B 44 -26.41 -37.45 -1.84
CA VAL B 44 -27.60 -36.59 -1.97
C VAL B 44 -28.61 -37.24 -2.93
N LYS B 45 -28.07 -37.81 -4.02
CA LYS B 45 -28.90 -38.46 -5.03
C LYS B 45 -29.57 -39.74 -4.52
N SER B 46 -28.77 -40.64 -3.94
CA SER B 46 -29.28 -41.90 -3.40
C SER B 46 -30.24 -41.62 -2.27
N SER B 47 -29.91 -40.63 -1.45
CA SER B 47 -30.73 -40.25 -0.31
C SER B 47 -32.09 -39.76 -0.80
N LEU B 48 -32.09 -39.00 -1.87
CA LEU B 48 -33.33 -38.46 -2.44
C LEU B 48 -34.23 -39.55 -3.01
N VAL B 49 -33.63 -40.51 -3.71
CA VAL B 49 -34.39 -41.60 -4.31
C VAL B 49 -34.75 -42.70 -3.31
N ASN B 50 -34.03 -42.77 -2.20
CA ASN B 50 -34.28 -43.76 -1.17
C ASN B 50 -35.41 -43.33 -0.25
N GLU B 51 -36.58 -43.09 -0.84
CA GLU B 51 -37.77 -42.65 -0.10
C GLU B 51 -38.99 -42.65 -1.03
N SER B 52 -38.82 -43.19 -2.23
CA SER B 52 -39.90 -43.25 -3.21
C SER B 52 -39.61 -44.28 -4.30
N HIS C 91 17.30 -28.50 18.77
CA HIS C 91 18.03 -29.63 19.42
C HIS C 91 19.51 -29.61 19.06
N HIS C 92 19.84 -30.16 17.89
CA HIS C 92 21.21 -30.23 17.41
C HIS C 92 21.27 -30.06 15.89
N ARG C 93 22.47 -29.90 15.35
CA ARG C 93 22.68 -29.72 13.91
C ARG C 93 21.83 -30.65 13.05
N GLU C 94 21.92 -31.94 13.32
CA GLU C 94 21.16 -32.94 12.58
C GLU C 94 19.67 -32.85 12.88
N GLY C 95 19.34 -32.54 14.13
CA GLY C 95 17.95 -32.43 14.54
C GLY C 95 17.18 -31.37 13.77
N LEU C 96 17.73 -30.17 13.71
CA LEU C 96 17.10 -29.05 13.01
C LEU C 96 16.99 -29.34 11.50
N LEU C 97 18.08 -29.79 10.90
CA LEU C 97 18.11 -30.10 9.47
C LEU C 97 17.08 -31.17 9.13
N ALA C 98 16.86 -32.09 10.06
CA ALA C 98 15.89 -33.17 9.88
C ALA C 98 14.48 -32.59 9.84
N ILE C 99 14.19 -31.69 10.79
CA ILE C 99 12.88 -31.05 10.88
C ILE C 99 12.63 -30.21 9.62
N PHE C 100 13.67 -29.52 9.16
CA PHE C 100 13.57 -28.69 7.96
C PHE C 100 13.30 -29.54 6.71
N LYS C 101 14.19 -30.50 6.46
CA LYS C 101 14.07 -31.39 5.31
C LYS C 101 12.77 -32.16 5.31
N SER C 102 12.18 -32.31 6.50
CA SER C 102 10.91 -33.01 6.65
C SER C 102 9.73 -32.06 6.47
N GLY C 103 10.03 -30.77 6.45
CA GLY C 103 8.98 -29.76 6.30
C GLY C 103 8.20 -29.57 7.58
N GLY C 104 8.92 -29.35 8.68
CA GLY C 104 8.27 -29.17 9.96
C GLY C 104 8.10 -27.71 10.37
N ILE C 105 8.80 -26.81 9.69
CA ILE C 105 8.71 -25.38 9.99
C ILE C 105 7.29 -24.84 9.83
N PRO C 106 6.66 -25.03 8.66
CA PRO C 106 5.30 -24.54 8.44
C PRO C 106 4.28 -25.16 9.39
N ALA C 107 4.61 -26.36 9.89
CA ALA C 107 3.75 -27.08 10.81
C ALA C 107 3.84 -26.43 12.19
N LEU C 108 5.07 -26.17 12.63
CA LEU C 108 5.31 -25.54 13.93
C LEU C 108 4.68 -24.14 13.97
N VAL C 109 4.67 -23.47 12.81
CA VAL C 109 4.08 -22.14 12.69
C VAL C 109 2.58 -22.24 12.93
N LYS C 110 1.94 -23.22 12.29
CA LYS C 110 0.52 -23.45 12.44
C LYS C 110 0.22 -23.81 13.88
N MET C 111 1.15 -24.53 14.50
CA MET C 111 1.02 -24.96 15.90
C MET C 111 1.13 -23.76 16.85
N LEU C 112 1.60 -22.64 16.34
CA LEU C 112 1.74 -21.42 17.13
C LEU C 112 0.40 -20.70 17.27
N GLY C 113 -0.67 -21.50 17.32
CA GLY C 113 -2.01 -20.94 17.44
C GLY C 113 -2.83 -21.71 18.47
N SER C 114 -2.22 -22.75 19.05
CA SER C 114 -2.88 -23.58 20.05
C SER C 114 -3.18 -22.83 21.35
N PRO C 115 -4.36 -23.07 21.95
CA PRO C 115 -4.75 -22.41 23.20
C PRO C 115 -3.92 -22.91 24.38
N VAL C 116 -3.31 -24.08 24.19
CA VAL C 116 -2.47 -24.69 25.20
C VAL C 116 -1.07 -24.10 25.16
N ASP C 117 -0.70 -23.43 26.24
CA ASP C 117 0.62 -22.80 26.37
C ASP C 117 1.74 -23.82 26.17
N SER C 118 1.47 -25.07 26.52
CA SER C 118 2.44 -26.15 26.38
C SER C 118 2.86 -26.34 24.93
N VAL C 119 1.91 -26.12 24.02
CA VAL C 119 2.16 -26.26 22.59
C VAL C 119 2.92 -25.04 22.06
N LEU C 120 2.44 -23.86 22.41
CA LEU C 120 3.08 -22.62 21.99
C LEU C 120 4.53 -22.56 22.42
N PHE C 121 4.78 -22.82 23.71
CA PHE C 121 6.13 -22.79 24.27
C PHE C 121 7.09 -23.73 23.53
N TYR C 122 6.58 -24.87 23.09
CA TYR C 122 7.39 -25.85 22.36
C TYR C 122 7.64 -25.40 20.93
N ALA C 123 6.62 -24.85 20.29
CA ALA C 123 6.72 -24.37 18.91
C ALA C 123 7.63 -23.14 18.81
N ILE C 124 7.41 -22.17 19.70
CA ILE C 124 8.20 -20.94 19.72
C ILE C 124 9.69 -21.23 19.90
N THR C 125 10.01 -22.08 20.87
CA THR C 125 11.40 -22.46 21.14
C THR C 125 12.04 -23.24 20.00
N THR C 126 11.29 -24.17 19.41
CA THR C 126 11.82 -24.98 18.30
C THR C 126 12.11 -24.08 17.10
N LEU C 127 11.15 -23.20 16.78
CA LEU C 127 11.30 -22.27 15.67
C LEU C 127 12.50 -21.36 15.90
N HIS C 128 12.73 -21.01 17.15
CA HIS C 128 13.85 -20.16 17.54
C HIS C 128 15.16 -20.85 17.20
N ASN C 129 15.28 -22.13 17.57
CA ASN C 129 16.47 -22.92 17.29
C ASN C 129 16.71 -22.96 15.78
N LEU C 130 15.63 -23.21 15.04
CA LEU C 130 15.67 -23.28 13.59
C LEU C 130 16.17 -21.97 12.98
N LEU C 131 15.60 -20.86 13.45
CA LEU C 131 15.98 -19.53 12.97
C LEU C 131 17.42 -19.19 13.34
N LEU C 132 17.89 -19.74 14.45
CA LEU C 132 19.24 -19.49 14.93
C LEU C 132 20.34 -20.27 14.20
N HIS C 133 20.08 -21.54 13.93
CA HIS C 133 21.09 -22.38 13.29
C HIS C 133 20.75 -22.89 11.88
N GLN C 134 19.56 -23.46 11.71
CA GLN C 134 19.16 -23.99 10.42
C GLN C 134 19.02 -22.95 9.31
N GLU C 135 19.70 -23.21 8.20
CA GLU C 135 19.67 -22.32 7.04
C GLU C 135 18.35 -22.46 6.29
N GLY C 136 17.90 -21.37 5.69
CA GLY C 136 16.64 -21.40 4.95
C GLY C 136 15.42 -21.51 5.85
N ALA C 137 15.63 -21.35 7.15
CA ALA C 137 14.55 -21.43 8.12
C ALA C 137 13.73 -20.14 8.16
N LYS C 138 14.41 -19.01 8.05
CA LYS C 138 13.74 -17.70 8.06
C LYS C 138 12.78 -17.56 6.89
N MET C 139 13.26 -17.90 5.69
CA MET C 139 12.45 -17.82 4.48
C MET C 139 11.21 -18.72 4.60
N ALA C 140 11.36 -19.82 5.33
CA ALA C 140 10.27 -20.76 5.53
C ALA C 140 9.21 -20.20 6.46
N VAL C 141 9.65 -19.60 7.56
CA VAL C 141 8.74 -19.02 8.55
C VAL C 141 7.94 -17.87 7.94
N ARG C 142 8.61 -17.03 7.15
CA ARG C 142 7.95 -15.90 6.50
C ARG C 142 6.89 -16.43 5.54
N LEU C 143 7.27 -17.46 4.79
CA LEU C 143 6.39 -18.08 3.80
C LEU C 143 5.17 -18.73 4.45
N ALA C 144 5.33 -19.20 5.68
CA ALA C 144 4.24 -19.84 6.41
C ALA C 144 3.39 -18.85 7.21
N GLY C 145 3.70 -17.57 7.10
CA GLY C 145 2.95 -16.56 7.83
C GLY C 145 3.32 -16.49 9.31
N GLY C 146 4.57 -16.81 9.63
CA GLY C 146 5.02 -16.77 11.01
C GLY C 146 5.06 -15.38 11.61
N LEU C 147 5.43 -14.38 10.79
CA LEU C 147 5.51 -12.98 11.22
C LEU C 147 4.19 -12.50 11.83
N GLN C 148 3.10 -12.69 11.10
CA GLN C 148 1.78 -12.26 11.54
C GLN C 148 1.36 -12.99 12.81
N LYS C 149 1.67 -14.29 12.86
CA LYS C 149 1.34 -15.14 14.01
C LYS C 149 2.11 -14.74 15.25
N MET C 150 3.41 -14.46 15.09
CA MET C 150 4.25 -14.06 16.21
C MET C 150 3.85 -12.71 16.80
N VAL C 151 3.57 -11.73 15.93
CA VAL C 151 3.16 -10.40 16.39
C VAL C 151 1.85 -10.48 17.17
N ALA C 152 0.96 -11.37 16.73
CA ALA C 152 -0.33 -11.55 17.39
C ALA C 152 -0.15 -12.18 18.77
N LEU C 153 0.89 -13.00 18.90
CA LEU C 153 1.19 -13.68 20.16
C LEU C 153 1.88 -12.75 21.15
N LEU C 154 2.08 -11.49 20.78
CA LEU C 154 2.74 -10.52 21.64
C LEU C 154 1.84 -10.00 22.76
N ASN C 155 0.55 -10.31 22.68
CA ASN C 155 -0.39 -9.85 23.71
C ASN C 155 -0.45 -10.84 24.88
N LYS C 156 0.41 -11.85 24.85
CA LYS C 156 0.49 -12.84 25.92
C LYS C 156 1.17 -12.21 27.13
N THR C 157 1.09 -12.86 28.29
CA THR C 157 1.68 -12.31 29.51
C THR C 157 2.94 -12.99 30.02
N ASN C 158 3.29 -14.15 29.46
CA ASN C 158 4.49 -14.86 29.90
C ASN C 158 5.74 -14.18 29.34
N VAL C 159 6.46 -13.48 30.20
CA VAL C 159 7.68 -12.75 29.82
C VAL C 159 8.72 -13.66 29.17
N LYS C 160 8.83 -14.89 29.65
CA LYS C 160 9.77 -15.85 29.10
C LYS C 160 9.39 -16.16 27.66
N PHE C 161 8.08 -16.21 27.41
CA PHE C 161 7.55 -16.48 26.08
C PHE C 161 7.74 -15.26 25.17
N LEU C 162 7.31 -14.09 25.65
CA LEU C 162 7.44 -12.86 24.90
C LEU C 162 8.88 -12.60 24.49
N ALA C 163 9.81 -12.91 25.41
CA ALA C 163 11.24 -12.72 25.17
C ALA C 163 11.73 -13.52 23.97
N ILE C 164 11.29 -14.77 23.87
CA ILE C 164 11.68 -15.65 22.78
C ILE C 164 11.00 -15.26 21.47
N THR C 165 9.73 -14.89 21.54
CA THR C 165 8.96 -14.49 20.36
C THR C 165 9.53 -13.20 19.75
N THR C 166 9.81 -12.22 20.59
CA THR C 166 10.37 -10.95 20.11
C THR C 166 11.71 -11.18 19.43
N ASP C 167 12.55 -12.02 20.03
CA ASP C 167 13.86 -12.30 19.44
C ASP C 167 13.68 -12.99 18.09
N CYS C 168 12.61 -13.77 17.95
CA CYS C 168 12.32 -14.45 16.69
C CYS C 168 12.03 -13.38 15.64
N LEU C 169 11.24 -12.38 16.03
CA LEU C 169 10.88 -11.28 15.14
C LEU C 169 12.13 -10.49 14.72
N GLN C 170 13.01 -10.26 15.69
CA GLN C 170 14.25 -9.54 15.45
C GLN C 170 15.06 -10.27 14.39
N ILE C 171 15.26 -11.57 14.58
CA ILE C 171 16.02 -12.41 13.65
C ILE C 171 15.40 -12.38 12.25
N LEU C 172 14.07 -12.43 12.20
CA LEU C 172 13.34 -12.42 10.93
C LEU C 172 13.27 -11.06 10.25
N ALA C 173 13.23 -9.99 11.05
CA ALA C 173 13.13 -8.64 10.50
C ALA C 173 14.43 -7.99 10.04
N TYR C 174 15.56 -8.40 10.63
CA TYR C 174 16.86 -7.82 10.27
C TYR C 174 17.15 -7.80 8.78
N GLY C 175 17.44 -6.61 8.27
CA GLY C 175 17.76 -6.46 6.85
C GLY C 175 16.73 -6.92 5.85
N ASN C 176 15.53 -7.23 6.32
CA ASN C 176 14.46 -7.69 5.43
C ASN C 176 13.29 -6.73 5.47
N GLN C 177 13.27 -5.80 4.51
CA GLN C 177 12.23 -4.78 4.42
C GLN C 177 10.80 -5.32 4.35
N GLU C 178 10.57 -6.32 3.50
CA GLU C 178 9.24 -6.90 3.36
C GLU C 178 8.72 -7.41 4.71
N SER C 179 9.62 -8.01 5.49
CA SER C 179 9.26 -8.52 6.80
C SER C 179 8.85 -7.39 7.74
N LYS C 180 9.54 -6.26 7.62
CA LYS C 180 9.25 -5.10 8.47
C LYS C 180 7.87 -4.53 8.16
N LEU C 181 7.50 -4.55 6.89
CA LEU C 181 6.19 -4.05 6.47
C LEU C 181 5.07 -4.97 6.93
N ILE C 182 5.34 -6.29 6.91
CA ILE C 182 4.36 -7.29 7.35
C ILE C 182 4.15 -7.13 8.85
N ILE C 183 5.24 -6.94 9.58
CA ILE C 183 5.19 -6.76 11.03
C ILE C 183 4.39 -5.50 11.36
N LEU C 184 4.57 -4.46 10.54
CA LEU C 184 3.85 -3.20 10.72
C LEU C 184 2.36 -3.41 10.47
N ALA C 185 2.05 -4.14 9.40
CA ALA C 185 0.66 -4.42 9.02
C ALA C 185 -0.05 -5.21 10.11
N SER C 186 0.73 -5.96 10.90
CA SER C 186 0.18 -6.76 11.99
C SER C 186 0.17 -5.98 13.30
N GLY C 187 0.47 -4.68 13.22
CA GLY C 187 0.48 -3.83 14.40
C GLY C 187 1.67 -4.03 15.31
N GLY C 188 2.79 -4.45 14.75
CA GLY C 188 4.00 -4.69 15.50
C GLY C 188 4.48 -3.57 16.42
N PRO C 189 4.70 -2.35 15.90
CA PRO C 189 5.17 -1.22 16.71
C PRO C 189 4.37 -1.00 17.99
N GLN C 190 3.06 -0.88 17.86
CA GLN C 190 2.17 -0.67 19.01
C GLN C 190 2.31 -1.79 20.04
N ALA C 191 2.38 -3.03 19.55
CA ALA C 191 2.51 -4.19 20.42
C ALA C 191 3.86 -4.18 21.15
N LEU C 192 4.93 -3.94 20.40
CA LEU C 192 6.28 -3.89 20.96
C LEU C 192 6.44 -2.76 21.97
N VAL C 193 5.86 -1.59 21.68
CA VAL C 193 5.95 -0.45 22.58
C VAL C 193 5.18 -0.72 23.88
N ASN C 194 4.05 -1.42 23.77
CA ASN C 194 3.26 -1.75 24.95
C ASN C 194 4.12 -2.52 25.95
N ILE C 195 4.91 -3.45 25.42
CA ILE C 195 5.81 -4.29 26.22
C ILE C 195 6.84 -3.43 26.98
N MET C 196 7.43 -2.46 26.29
CA MET C 196 8.42 -1.58 26.90
C MET C 196 7.82 -0.80 28.07
N ARG C 197 6.52 -0.53 28.01
CA ARG C 197 5.84 0.21 29.07
C ARG C 197 5.14 -0.68 30.09
N THR C 198 5.10 -1.97 29.83
CA THR C 198 4.42 -2.90 30.72
C THR C 198 5.29 -3.78 31.60
N TYR C 199 6.25 -4.47 30.99
CA TYR C 199 7.12 -5.38 31.74
C TYR C 199 8.43 -4.79 32.26
N THR C 200 9.03 -5.51 33.22
CA THR C 200 10.29 -5.10 33.85
C THR C 200 11.36 -6.17 33.64
N TYR C 201 10.96 -7.32 33.10
CA TYR C 201 11.88 -8.41 32.84
C TYR C 201 12.91 -7.94 31.82
N GLU C 202 14.10 -7.56 32.33
CA GLU C 202 15.21 -7.05 31.52
C GLU C 202 15.45 -7.84 30.23
N LYS C 203 15.42 -9.17 30.33
CA LYS C 203 15.64 -10.02 29.17
C LYS C 203 14.62 -9.75 28.06
N LEU C 204 13.39 -9.44 28.44
CA LEU C 204 12.34 -9.15 27.48
C LEU C 204 12.52 -7.75 26.90
N LEU C 205 12.84 -6.78 27.76
CA LEU C 205 13.04 -5.40 27.33
C LEU C 205 14.20 -5.32 26.35
N TRP C 206 15.21 -6.14 26.60
CA TRP C 206 16.40 -6.20 25.75
C TRP C 206 16.05 -6.73 24.37
N THR C 207 15.36 -7.87 24.33
CA THR C 207 14.97 -8.48 23.05
C THR C 207 13.98 -7.60 22.29
N THR C 208 13.08 -6.95 23.01
CA THR C 208 12.08 -6.07 22.42
C THR C 208 12.73 -4.81 21.83
N SER C 209 13.68 -4.22 22.57
CA SER C 209 14.38 -3.02 22.12
C SER C 209 15.22 -3.32 20.88
N ARG C 210 15.63 -4.58 20.75
CA ARG C 210 16.44 -5.02 19.61
C ARG C 210 15.59 -5.06 18.36
N VAL C 211 14.32 -5.46 18.50
CA VAL C 211 13.40 -5.52 17.38
C VAL C 211 13.04 -4.09 16.98
N LEU C 212 12.78 -3.26 17.99
CA LEU C 212 12.42 -1.86 17.76
C LEU C 212 13.55 -1.12 17.04
N LYS C 213 14.78 -1.49 17.37
CA LYS C 213 15.96 -0.89 16.76
C LYS C 213 16.00 -1.24 15.27
N VAL C 214 15.71 -2.50 14.97
CA VAL C 214 15.69 -2.98 13.59
C VAL C 214 14.59 -2.28 12.80
N LEU C 215 13.44 -2.10 13.44
CA LEU C 215 12.30 -1.44 12.80
C LEU C 215 12.45 0.08 12.74
N SER C 216 13.23 0.65 13.64
CA SER C 216 13.42 2.10 13.69
C SER C 216 14.06 2.71 12.44
N VAL C 217 14.73 1.89 11.63
CA VAL C 217 15.37 2.39 10.41
C VAL C 217 14.43 2.32 9.21
N CYS C 218 13.28 1.68 9.40
CA CYS C 218 12.28 1.55 8.34
C CYS C 218 11.48 2.86 8.25
N SER C 219 11.25 3.34 7.04
CA SER C 219 10.51 4.58 6.83
C SER C 219 9.01 4.47 7.11
N SER C 220 8.52 3.25 7.30
CA SER C 220 7.11 3.04 7.59
C SER C 220 6.90 2.74 9.05
N ASN C 221 7.74 1.87 9.60
CA ASN C 221 7.67 1.50 11.01
C ASN C 221 8.06 2.65 11.92
N LYS C 222 9.02 3.48 11.49
CA LYS C 222 9.48 4.60 12.31
C LYS C 222 8.37 5.53 12.81
N PRO C 223 7.56 6.10 11.90
CA PRO C 223 6.49 6.98 12.40
C PRO C 223 5.44 6.24 13.23
N ALA C 224 5.29 4.93 12.97
CA ALA C 224 4.33 4.12 13.70
C ALA C 224 4.81 3.93 15.14
N ILE C 225 6.11 3.70 15.29
CA ILE C 225 6.72 3.53 16.61
C ILE C 225 6.55 4.80 17.43
N VAL C 226 6.81 5.94 16.80
CA VAL C 226 6.67 7.24 17.45
C VAL C 226 5.21 7.48 17.84
N GLU C 227 4.30 7.26 16.89
CA GLU C 227 2.87 7.44 17.13
C GLU C 227 2.40 6.62 18.33
N ALA C 228 2.92 5.39 18.45
CA ALA C 228 2.56 4.50 19.55
C ALA C 228 3.12 4.98 20.90
N GLY C 229 3.91 6.05 20.87
CA GLY C 229 4.52 6.57 22.07
C GLY C 229 5.85 5.91 22.40
N GLY C 230 6.54 5.45 21.36
CA GLY C 230 7.82 4.78 21.56
C GLY C 230 8.96 5.61 22.15
N MET C 231 8.98 6.90 21.85
CA MET C 231 10.04 7.79 22.36
C MET C 231 10.00 7.84 23.89
N GLN C 232 8.83 8.10 24.43
CA GLN C 232 8.62 8.17 25.87
C GLN C 232 8.85 6.80 26.50
N ALA C 233 8.31 5.77 25.85
CA ALA C 233 8.43 4.39 26.33
C ALA C 233 9.89 3.97 26.48
N LEU C 234 10.72 4.33 25.50
CA LEU C 234 12.14 4.00 25.52
C LEU C 234 12.90 4.86 26.53
N GLY C 235 12.42 6.08 26.75
CA GLY C 235 13.06 6.99 27.68
C GLY C 235 12.92 6.59 29.13
N LEU C 236 11.89 5.79 29.43
CA LEU C 236 11.66 5.33 30.79
C LEU C 236 12.75 4.37 31.26
N HIS C 237 13.40 3.69 30.32
CA HIS C 237 14.45 2.73 30.64
C HIS C 237 15.89 3.22 30.47
N LEU C 238 16.07 4.52 30.28
CA LEU C 238 17.41 5.08 30.11
C LEU C 238 18.24 5.10 31.39
N THR C 239 17.59 4.83 32.52
CA THR C 239 18.27 4.82 33.82
C THR C 239 18.38 3.40 34.40
N ASP C 240 18.02 2.39 33.60
CA ASP C 240 18.09 1.00 34.03
C ASP C 240 19.55 0.55 34.09
N PRO C 241 19.91 -0.23 35.12
CA PRO C 241 21.26 -0.75 35.34
C PRO C 241 21.83 -1.58 34.18
N SER C 242 20.95 -2.05 33.30
CA SER C 242 21.37 -2.85 32.16
C SER C 242 21.96 -1.98 31.05
N GLN C 243 23.28 -2.03 30.91
CA GLN C 243 23.99 -1.25 29.90
C GLN C 243 23.52 -1.55 28.49
N ARG C 244 23.39 -2.84 28.15
CA ARG C 244 22.95 -3.24 26.81
C ARG C 244 21.56 -2.69 26.49
N LEU C 245 20.70 -2.63 27.51
CA LEU C 245 19.35 -2.12 27.33
C LEU C 245 19.36 -0.62 27.09
N VAL C 246 20.08 0.11 27.94
CA VAL C 246 20.19 1.56 27.81
C VAL C 246 20.74 1.93 26.43
N GLN C 247 21.77 1.20 26.01
CA GLN C 247 22.41 1.42 24.72
C GLN C 247 21.48 1.15 23.54
N ASN C 248 20.68 0.08 23.63
CA ASN C 248 19.73 -0.25 22.56
C ASN C 248 18.60 0.76 22.50
N CYS C 249 18.18 1.25 23.65
CA CYS C 249 17.12 2.25 23.71
C CYS C 249 17.62 3.54 23.09
N LEU C 250 18.89 3.87 23.33
CA LEU C 250 19.50 5.09 22.80
C LEU C 250 19.71 5.06 21.29
N TRP C 251 20.17 3.93 20.76
CA TRP C 251 20.38 3.80 19.32
C TRP C 251 19.04 3.90 18.60
N THR C 252 18.03 3.25 19.18
CA THR C 252 16.69 3.24 18.61
C THR C 252 16.11 4.66 18.63
N LEU C 253 16.23 5.32 19.77
CA LEU C 253 15.74 6.69 19.95
C LEU C 253 16.36 7.64 18.92
N ARG C 254 17.67 7.50 18.69
CA ARG C 254 18.37 8.36 17.73
C ARG C 254 17.87 8.14 16.31
N ASN C 255 17.65 6.88 15.94
CA ASN C 255 17.14 6.55 14.61
C ASN C 255 15.76 7.17 14.39
N LEU C 256 14.93 7.12 15.44
CA LEU C 256 13.57 7.63 15.40
C LEU C 256 13.46 9.14 15.56
N SER C 257 14.43 9.74 16.25
CA SER C 257 14.44 11.17 16.55
C SER C 257 14.04 12.16 15.45
N ASP C 258 14.36 11.86 14.20
CA ASP C 258 14.01 12.79 13.12
C ASP C 258 12.55 12.74 12.70
N ALA C 259 11.78 11.86 13.34
CA ALA C 259 10.36 11.70 13.05
C ALA C 259 9.54 11.99 14.30
N ALA C 260 10.18 12.54 15.33
CA ALA C 260 9.52 12.84 16.59
C ALA C 260 9.53 14.31 17.00
N THR C 261 9.84 15.21 16.06
CA THR C 261 9.90 16.63 16.35
C THR C 261 8.54 17.27 16.64
N LYS C 262 7.48 16.47 16.62
CA LYS C 262 6.13 16.96 16.88
C LYS C 262 5.49 16.28 18.10
N GLN C 263 6.19 15.32 18.70
CA GLN C 263 5.68 14.60 19.86
C GLN C 263 5.52 15.49 21.09
N GLU C 264 4.52 15.19 21.91
CA GLU C 264 4.27 15.91 23.15
C GLU C 264 4.66 14.98 24.29
N GLY C 265 4.63 15.49 25.52
CA GLY C 265 4.98 14.68 26.67
C GLY C 265 6.39 14.11 26.60
N MET C 266 7.32 14.95 26.17
CA MET C 266 8.73 14.57 26.01
C MET C 266 9.60 15.08 27.15
N GLU C 267 8.97 15.77 28.11
CA GLU C 267 9.67 16.34 29.27
C GLU C 267 10.61 15.34 29.95
N GLY C 268 10.11 14.15 30.23
CA GLY C 268 10.91 13.14 30.90
C GLY C 268 12.11 12.69 30.07
N LEU C 269 11.90 12.49 28.77
CA LEU C 269 12.98 12.06 27.88
C LEU C 269 14.08 13.10 27.79
N LEU C 270 13.69 14.35 27.56
CA LEU C 270 14.62 15.47 27.44
C LEU C 270 15.48 15.68 28.69
N GLY C 271 14.88 15.51 29.86
CA GLY C 271 15.60 15.68 31.10
C GLY C 271 16.65 14.60 31.28
N THR C 272 16.28 13.36 30.93
CA THR C 272 17.17 12.21 31.02
C THR C 272 18.35 12.33 30.06
N LEU C 273 18.06 12.71 28.82
CA LEU C 273 19.08 12.88 27.78
C LEU C 273 20.13 13.93 28.15
N VAL C 274 19.69 15.05 28.70
CA VAL C 274 20.59 16.12 29.11
C VAL C 274 21.56 15.57 30.18
N GLN C 275 21.02 14.81 31.12
CA GLN C 275 21.83 14.22 32.19
C GLN C 275 22.85 13.25 31.62
N LEU C 276 22.41 12.44 30.65
CA LEU C 276 23.27 11.45 30.00
C LEU C 276 24.47 12.07 29.29
N LEU C 277 24.38 13.37 29.00
CA LEU C 277 25.47 14.07 28.34
C LEU C 277 26.69 14.08 29.26
N GLY C 278 26.43 13.97 30.56
CA GLY C 278 27.50 13.95 31.54
C GLY C 278 27.94 12.56 31.94
N SER C 279 27.80 11.61 31.01
CA SER C 279 28.20 10.23 31.25
C SER C 279 29.64 9.99 30.80
N ASP C 280 30.28 8.97 31.38
CA ASP C 280 31.64 8.60 31.05
C ASP C 280 31.64 7.72 29.79
N ASP C 281 30.50 7.10 29.52
CA ASP C 281 30.33 6.23 28.36
C ASP C 281 30.20 7.12 27.11
N ILE C 282 31.19 7.04 26.24
CA ILE C 282 31.24 7.83 25.01
C ILE C 282 30.05 7.55 24.08
N ASN C 283 29.64 6.29 23.99
CA ASN C 283 28.51 5.91 23.15
C ASN C 283 27.21 6.52 23.67
N VAL C 284 27.10 6.63 25.00
CA VAL C 284 25.91 7.22 25.63
C VAL C 284 25.86 8.72 25.31
N VAL C 285 27.00 9.41 25.47
CA VAL C 285 27.08 10.84 25.20
C VAL C 285 26.77 11.12 23.73
N THR C 286 27.40 10.37 22.81
CA THR C 286 27.18 10.54 21.39
C THR C 286 25.70 10.44 21.02
N CYS C 287 25.03 9.40 21.52
CA CYS C 287 23.61 9.20 21.24
C CYS C 287 22.73 10.29 21.83
N ALA C 288 22.99 10.66 23.08
CA ALA C 288 22.19 11.70 23.73
C ALA C 288 22.28 13.00 22.96
N ALA C 289 23.48 13.35 22.52
CA ALA C 289 23.70 14.58 21.76
C ALA C 289 22.97 14.57 20.42
N GLY C 290 23.03 13.43 19.73
CA GLY C 290 22.36 13.29 18.45
C GLY C 290 20.85 13.39 18.58
N ILE C 291 20.32 12.74 19.61
CA ILE C 291 18.87 12.75 19.87
C ILE C 291 18.41 14.16 20.23
N LEU C 292 19.17 14.83 21.11
CA LEU C 292 18.81 16.19 21.51
C LEU C 292 18.85 17.16 20.33
N SER C 293 19.79 16.92 19.42
CA SER C 293 19.94 17.76 18.23
C SER C 293 18.67 17.68 17.36
N ASN C 294 18.19 16.47 17.13
CA ASN C 294 16.99 16.28 16.31
C ASN C 294 15.70 16.72 17.03
N LEU C 295 15.60 16.41 18.32
CA LEU C 295 14.39 16.80 19.06
C LEU C 295 14.21 18.30 19.21
N THR C 296 15.32 19.05 19.21
CA THR C 296 15.26 20.50 19.32
C THR C 296 15.11 21.19 17.96
N CYS C 297 15.08 20.41 16.89
CA CYS C 297 14.95 20.97 15.55
C CYS C 297 13.55 21.53 15.30
N ASN C 298 13.47 22.87 15.22
CA ASN C 298 12.23 23.60 14.99
C ASN C 298 11.10 23.26 15.97
N ASN C 299 11.44 22.99 17.22
CA ASN C 299 10.44 22.69 18.24
C ASN C 299 10.72 23.58 19.45
N TYR C 300 10.11 24.78 19.45
CA TYR C 300 10.29 25.75 20.52
C TYR C 300 10.01 25.21 21.92
N LYS C 301 9.02 24.33 22.03
CA LYS C 301 8.68 23.74 23.33
C LYS C 301 9.82 22.85 23.83
N ASN C 302 10.40 22.04 22.95
CA ASN C 302 11.51 21.18 23.34
C ASN C 302 12.74 22.02 23.67
N LYS C 303 12.93 23.11 22.91
CA LYS C 303 14.07 24.01 23.12
C LYS C 303 14.02 24.64 24.52
N MET C 304 12.84 25.10 24.90
CA MET C 304 12.66 25.73 26.21
C MET C 304 12.92 24.74 27.34
N MET C 305 12.39 23.53 27.20
CA MET C 305 12.58 22.49 28.22
C MET C 305 14.07 22.15 28.42
N VAL C 306 14.77 21.94 27.31
CA VAL C 306 16.20 21.62 27.36
C VAL C 306 16.97 22.75 28.04
N CYS C 307 16.70 23.99 27.64
CA CYS C 307 17.35 25.15 28.24
C CYS C 307 17.08 25.25 29.74
N GLN C 308 15.85 24.96 30.13
CA GLN C 308 15.43 25.02 31.53
C GLN C 308 16.10 24.02 32.47
N VAL C 309 16.60 22.91 31.93
CA VAL C 309 17.26 21.91 32.77
C VAL C 309 18.78 21.95 32.66
N GLY C 310 19.31 23.11 32.29
CA GLY C 310 20.75 23.27 32.16
C GLY C 310 21.33 22.70 30.89
N GLY C 311 20.50 22.60 29.84
CA GLY C 311 20.94 22.05 28.58
C GLY C 311 22.12 22.72 27.93
N ILE C 312 22.17 24.06 27.98
CA ILE C 312 23.27 24.82 27.37
C ILE C 312 24.61 24.45 28.00
N GLU C 313 24.67 24.48 29.33
CA GLU C 313 25.90 24.14 30.04
C GLU C 313 26.33 22.70 29.73
N ALA C 314 25.37 21.78 29.82
CA ALA C 314 25.63 20.37 29.57
C ALA C 314 26.22 20.13 28.19
N LEU C 315 25.74 20.87 27.19
CA LEU C 315 26.23 20.75 25.82
C LEU C 315 27.62 21.34 25.63
N VAL C 316 27.89 22.49 26.26
CA VAL C 316 29.21 23.12 26.14
C VAL C 316 30.27 22.21 26.78
N ARG C 317 29.90 21.59 27.90
CA ARG C 317 30.80 20.68 28.61
C ARG C 317 31.07 19.44 27.77
N THR C 318 30.06 19.01 27.02
CA THR C 318 30.18 17.85 26.14
C THR C 318 31.16 18.19 25.01
N VAL C 319 31.08 19.42 24.51
CA VAL C 319 31.97 19.88 23.44
C VAL C 319 33.43 19.90 23.93
N LEU C 320 33.63 20.30 25.18
CA LEU C 320 34.97 20.38 25.77
C LEU C 320 35.58 18.99 25.94
N ARG C 321 34.81 18.06 26.50
CA ARG C 321 35.25 16.69 26.73
C ARG C 321 35.46 15.90 25.44
N ALA C 322 34.69 16.25 24.41
CA ALA C 322 34.75 15.58 23.11
C ALA C 322 36.09 15.78 22.39
N GLY C 323 36.59 17.01 22.40
CA GLY C 323 37.84 17.30 21.73
C GLY C 323 37.70 17.31 20.22
N ASP C 324 38.49 16.48 19.55
CA ASP C 324 38.44 16.40 18.09
C ASP C 324 37.45 15.37 17.57
N ARG C 325 36.79 14.66 18.48
CA ARG C 325 35.81 13.63 18.13
C ARG C 325 34.52 14.26 17.55
N GLU C 326 34.54 14.45 16.23
CA GLU C 326 33.44 15.06 15.50
C GLU C 326 32.08 14.36 15.49
N ASP C 327 32.05 13.11 15.97
CA ASP C 327 30.80 12.36 16.04
C ASP C 327 30.01 12.84 17.27
N ILE C 328 30.71 13.49 18.19
CA ILE C 328 30.11 14.03 19.40
C ILE C 328 29.92 15.53 19.24
N THR C 329 30.92 16.21 18.69
CA THR C 329 30.88 17.65 18.51
C THR C 329 29.87 18.13 17.46
N GLU C 330 29.71 17.38 16.36
CA GLU C 330 28.77 17.80 15.33
C GLU C 330 27.32 17.91 15.85
N PRO C 331 26.81 16.85 16.51
CA PRO C 331 25.44 16.91 17.04
C PRO C 331 25.27 17.86 18.21
N ALA C 332 26.28 17.93 19.08
CA ALA C 332 26.24 18.80 20.25
C ALA C 332 26.23 20.27 19.81
N ILE C 333 26.98 20.58 18.76
CA ILE C 333 27.05 21.93 18.21
C ILE C 333 25.73 22.26 17.51
N CYS C 334 25.17 21.27 16.80
CA CYS C 334 23.90 21.46 16.10
C CYS C 334 22.79 21.73 17.10
N ALA C 335 22.85 21.04 18.25
CA ALA C 335 21.86 21.20 19.30
C ALA C 335 21.96 22.61 19.88
N LEU C 336 23.20 23.07 20.08
CA LEU C 336 23.44 24.41 20.61
C LEU C 336 22.92 25.44 19.62
N ARG C 337 23.06 25.14 18.34
CA ARG C 337 22.59 26.02 17.28
C ARG C 337 21.08 26.15 17.37
N HIS C 338 20.38 25.02 17.45
CA HIS C 338 18.92 25.03 17.55
C HIS C 338 18.47 25.77 18.81
N LEU C 339 19.21 25.58 19.90
CA LEU C 339 18.88 26.21 21.17
C LEU C 339 19.13 27.70 21.27
N THR C 340 19.89 28.26 20.34
CA THR C 340 20.20 29.68 20.37
C THR C 340 19.44 30.49 19.32
N SER C 341 18.24 30.05 18.96
CA SER C 341 17.43 30.76 17.97
C SER C 341 15.94 30.43 18.00
N ARG C 342 15.16 31.43 17.60
CA ARG C 342 13.70 31.34 17.47
C ARG C 342 12.90 30.67 18.59
N HIS C 343 12.98 31.23 19.79
CA HIS C 343 12.20 30.73 20.93
C HIS C 343 12.34 31.66 22.13
N GLN C 344 11.40 31.54 23.06
CA GLN C 344 11.35 32.38 24.25
C GLN C 344 12.69 32.58 24.96
N GLU C 345 13.43 31.50 25.18
CA GLU C 345 14.71 31.60 25.89
C GLU C 345 15.94 31.55 24.99
N ALA C 346 15.79 32.03 23.76
CA ALA C 346 16.89 32.05 22.79
C ALA C 346 17.99 33.03 23.20
N GLU C 347 17.58 34.24 23.60
CA GLU C 347 18.53 35.27 24.01
C GLU C 347 19.30 34.83 25.25
N MET C 348 18.60 34.17 26.17
CA MET C 348 19.20 33.67 27.40
C MET C 348 20.19 32.53 27.09
N ALA C 349 19.92 31.79 26.01
CA ALA C 349 20.79 30.69 25.61
C ALA C 349 22.05 31.24 24.96
N GLN C 350 21.90 32.31 24.19
CA GLN C 350 23.02 32.95 23.51
C GLN C 350 24.01 33.50 24.53
N ASN C 351 23.49 33.92 25.68
CA ASN C 351 24.33 34.45 26.76
C ASN C 351 24.89 33.30 27.58
N ALA C 352 24.09 32.25 27.77
CA ALA C 352 24.50 31.08 28.54
C ALA C 352 25.72 30.39 27.96
N VAL C 353 25.88 30.48 26.63
CA VAL C 353 27.03 29.87 25.96
C VAL C 353 28.28 30.65 26.39
N ARG C 354 28.22 31.97 26.32
CA ARG C 354 29.33 32.83 26.72
C ARG C 354 29.58 32.70 28.21
N LEU C 355 28.51 32.76 28.99
CA LEU C 355 28.59 32.66 30.45
C LEU C 355 29.16 31.34 30.96
N HIS C 356 29.02 30.27 30.15
CA HIS C 356 29.54 28.96 30.55
C HIS C 356 30.86 28.66 29.86
N TYR C 357 31.60 29.72 29.55
CA TYR C 357 32.92 29.67 28.94
C TYR C 357 32.98 28.85 27.65
N GLY C 358 31.95 28.99 26.82
CA GLY C 358 31.88 28.23 25.59
C GLY C 358 32.43 28.90 24.34
N LEU C 359 32.57 30.22 24.35
CA LEU C 359 33.06 30.92 23.17
C LEU C 359 34.42 30.50 22.61
N PRO C 360 35.43 30.30 23.49
CA PRO C 360 36.75 29.89 22.96
C PRO C 360 36.68 28.55 22.20
N VAL C 361 36.04 27.57 22.83
CA VAL C 361 35.89 26.23 22.24
C VAL C 361 35.13 26.29 20.92
N VAL C 362 34.04 27.04 20.89
CA VAL C 362 33.23 27.18 19.68
C VAL C 362 34.00 27.71 18.47
N VAL C 363 34.75 28.79 18.66
CA VAL C 363 35.52 29.37 17.56
C VAL C 363 36.66 28.45 17.12
N LYS C 364 37.24 27.71 18.07
CA LYS C 364 38.33 26.78 17.77
C LYS C 364 37.88 25.70 16.77
N LEU C 365 36.63 25.25 16.92
CA LEU C 365 36.08 24.21 16.04
C LEU C 365 35.99 24.59 14.56
N LEU C 366 36.22 25.87 14.25
CA LEU C 366 36.19 26.32 12.87
C LEU C 366 37.54 26.00 12.20
N HIS C 367 38.51 25.64 13.03
CA HIS C 367 39.87 25.33 12.57
C HIS C 367 40.13 23.83 12.42
N PRO C 368 41.17 23.46 11.66
CA PRO C 368 41.47 22.03 11.49
C PRO C 368 41.84 21.44 12.84
N PRO C 369 41.72 20.11 13.01
CA PRO C 369 41.28 19.09 12.06
C PRO C 369 39.77 18.99 11.78
N SER C 370 39.00 20.02 12.13
CA SER C 370 37.55 19.97 11.90
C SER C 370 37.18 19.78 10.43
N HIS C 371 36.22 18.90 10.18
CA HIS C 371 35.77 18.65 8.81
C HIS C 371 34.59 19.54 8.47
N TRP C 372 34.24 19.61 7.18
CA TRP C 372 33.14 20.45 6.70
C TRP C 372 31.80 20.36 7.44
N PRO C 373 31.29 19.15 7.70
CA PRO C 373 29.99 19.05 8.40
C PRO C 373 30.01 19.76 9.75
N LEU C 374 31.10 19.63 10.50
CA LEU C 374 31.22 20.28 11.79
C LEU C 374 31.39 21.80 11.63
N ILE C 375 32.20 22.20 10.64
CA ILE C 375 32.43 23.62 10.38
C ILE C 375 31.10 24.29 10.03
N LYS C 376 30.31 23.63 9.19
CA LYS C 376 29.00 24.16 8.77
C LYS C 376 28.10 24.42 9.98
N ALA C 377 28.07 23.47 10.90
CA ALA C 377 27.25 23.58 12.10
C ALA C 377 27.78 24.66 13.06
N THR C 378 29.10 24.75 13.17
CA THR C 378 29.74 25.73 14.04
C THR C 378 29.48 27.15 13.54
N VAL C 379 29.63 27.34 12.23
CA VAL C 379 29.37 28.62 11.60
C VAL C 379 27.91 29.00 11.91
N GLY C 380 27.03 28.00 11.86
CA GLY C 380 25.62 28.23 12.16
C GLY C 380 25.42 28.71 13.59
N LEU C 381 26.12 28.08 14.53
CA LEU C 381 26.04 28.45 15.94
C LEU C 381 26.54 29.87 16.19
N ILE C 382 27.68 30.21 15.60
CA ILE C 382 28.29 31.53 15.74
C ILE C 382 27.37 32.62 15.19
N ARG C 383 26.60 32.27 14.18
CA ARG C 383 25.64 33.17 13.54
C ARG C 383 24.57 33.53 14.56
N ASN C 384 24.07 32.50 15.26
CA ASN C 384 23.05 32.69 16.29
C ASN C 384 23.61 33.43 17.50
N LEU C 385 24.84 33.09 17.89
CA LEU C 385 25.49 33.73 19.03
C LEU C 385 25.74 35.22 18.78
N ALA C 386 25.93 35.57 17.51
CA ALA C 386 26.17 36.95 17.11
C ALA C 386 24.91 37.83 17.22
N LEU C 387 23.77 37.21 17.51
CA LEU C 387 22.51 37.93 17.66
C LEU C 387 22.48 38.59 19.03
N CYS C 388 23.40 38.18 19.90
CA CYS C 388 23.54 38.71 21.24
C CYS C 388 24.68 39.72 21.20
N PRO C 389 24.39 41.01 21.44
CA PRO C 389 25.40 42.07 21.42
C PRO C 389 26.60 41.79 22.33
N ALA C 390 26.34 41.15 23.47
CA ALA C 390 27.38 40.82 24.43
C ALA C 390 28.38 39.79 23.92
N ASN C 391 28.05 39.14 22.81
CA ASN C 391 28.93 38.14 22.22
C ASN C 391 29.76 38.71 21.08
N HIS C 392 29.44 39.93 20.67
CA HIS C 392 30.13 40.61 19.58
C HIS C 392 31.64 40.79 19.83
N ALA C 393 31.98 41.36 20.99
CA ALA C 393 33.37 41.58 21.35
C ALA C 393 34.14 40.26 21.56
N PRO C 394 33.62 39.35 22.39
CA PRO C 394 34.31 38.07 22.63
C PRO C 394 34.60 37.27 21.36
N LEU C 395 33.61 37.15 20.48
CA LEU C 395 33.79 36.42 19.22
C LEU C 395 34.91 37.05 18.39
N ARG C 396 34.95 38.38 18.34
CA ARG C 396 35.99 39.08 17.59
C ARG C 396 37.35 38.81 18.25
N GLU C 397 37.37 38.86 19.57
CA GLU C 397 38.58 38.64 20.37
C GLU C 397 39.15 37.23 20.23
N GLN C 398 38.30 36.26 19.90
CA GLN C 398 38.74 34.89 19.72
C GLN C 398 39.14 34.68 18.26
N GLY C 399 39.06 35.75 17.48
CA GLY C 399 39.42 35.70 16.08
C GLY C 399 38.43 35.01 15.15
N ALA C 400 37.15 35.01 15.52
CA ALA C 400 36.14 34.36 14.69
C ALA C 400 36.01 35.01 13.31
N ILE C 401 36.15 36.32 13.25
CA ILE C 401 36.02 37.06 12.00
C ILE C 401 36.97 36.66 10.87
N PRO C 402 38.30 36.72 11.09
CA PRO C 402 39.22 36.33 10.00
C PRO C 402 39.04 34.88 9.55
N ARG C 403 38.79 33.97 10.48
CA ARG C 403 38.60 32.57 10.13
C ARG C 403 37.35 32.42 9.26
N LEU C 404 36.28 33.12 9.65
CA LEU C 404 35.02 33.10 8.90
C LEU C 404 35.23 33.62 7.48
N VAL C 405 36.11 34.60 7.34
CA VAL C 405 36.41 35.21 6.05
C VAL C 405 37.20 34.23 5.17
N GLN C 406 38.20 33.57 5.73
CA GLN C 406 39.00 32.63 4.95
C GLN C 406 38.20 31.41 4.52
N LEU C 407 37.20 31.03 5.32
CA LEU C 407 36.34 29.90 4.99
C LEU C 407 35.44 30.28 3.82
N LEU C 408 34.98 31.54 3.82
CA LEU C 408 34.12 32.07 2.76
C LEU C 408 34.91 32.16 1.46
N VAL C 409 36.14 32.65 1.56
CA VAL C 409 37.00 32.80 0.40
C VAL C 409 37.19 31.45 -0.31
N ARG C 410 37.63 30.45 0.44
CA ARG C 410 37.84 29.10 -0.10
C ARG C 410 36.56 28.50 -0.68
N ALA C 411 35.44 28.70 0.02
CA ALA C 411 34.15 28.17 -0.41
C ALA C 411 33.74 28.75 -1.75
N HIS C 412 33.82 30.08 -1.87
CA HIS C 412 33.46 30.77 -3.11
C HIS C 412 34.40 30.36 -4.24
N GLN C 413 35.65 30.07 -3.89
CA GLN C 413 36.65 29.64 -4.89
C GLN C 413 36.21 28.32 -5.50
N ASP C 414 35.79 27.39 -4.64
CA ASP C 414 35.33 26.08 -5.10
C ASP C 414 34.15 26.22 -6.05
N THR C 415 33.12 26.96 -5.63
CA THR C 415 31.93 27.16 -6.45
C THR C 415 32.25 27.75 -7.82
N GLN C 416 33.16 28.73 -7.85
CA GLN C 416 33.53 29.36 -9.11
C GLN C 416 34.29 28.38 -10.01
N ARG C 417 35.17 27.58 -9.43
CA ARG C 417 35.95 26.60 -10.17
C ARG C 417 35.04 25.51 -10.71
N ARG C 418 34.16 24.99 -9.86
CA ARG C 418 33.21 23.95 -10.21
C ARG C 418 32.39 24.38 -11.43
N THR C 419 31.94 25.63 -11.40
CA THR C 419 31.14 26.19 -12.50
C THR C 419 31.95 26.22 -13.79
N SER C 420 33.22 26.64 -13.70
CA SER C 420 34.09 26.74 -14.88
C SER C 420 34.41 25.39 -15.51
N MET C 421 34.41 24.33 -14.72
CA MET C 421 34.70 23.00 -15.24
C MET C 421 33.49 22.47 -16.04
N GLY C 422 32.30 22.98 -15.74
CA GLY C 422 31.11 22.54 -16.46
C GLY C 422 30.54 21.21 -16.02
N GLN C 426 26.60 19.15 -9.54
CA GLN C 426 26.11 18.99 -8.15
C GLN C 426 27.21 18.44 -7.25
N GLN C 427 28.20 19.29 -6.95
CA GLN C 427 29.34 18.90 -6.12
C GLN C 427 29.07 18.94 -4.62
N PHE C 428 29.79 18.08 -3.90
CA PHE C 428 29.69 17.96 -2.44
C PHE C 428 31.08 17.71 -1.88
N VAL C 429 31.62 18.67 -1.14
CA VAL C 429 32.95 18.53 -0.55
C VAL C 429 32.77 18.02 0.88
N GLU C 430 33.11 16.74 1.09
CA GLU C 430 32.98 16.07 2.39
C GLU C 430 31.52 16.03 2.85
N GLY C 431 30.61 15.86 1.90
CA GLY C 431 29.19 15.78 2.20
C GLY C 431 28.50 17.12 2.41
N VAL C 432 29.19 18.22 2.10
CA VAL C 432 28.64 19.56 2.27
C VAL C 432 28.75 20.38 1.00
N ARG C 433 27.70 21.14 0.69
CA ARG C 433 27.70 22.00 -0.49
C ARG C 433 28.38 23.31 -0.12
N MET C 434 29.43 23.66 -0.86
CA MET C 434 30.16 24.89 -0.59
C MET C 434 29.32 26.16 -0.64
N GLU C 435 28.24 26.14 -1.42
CA GLU C 435 27.32 27.28 -1.52
C GLU C 435 26.73 27.57 -0.14
N GLU C 436 26.49 26.52 0.62
CA GLU C 436 25.94 26.64 1.98
C GLU C 436 26.96 27.24 2.93
N ILE C 437 28.25 26.98 2.65
CA ILE C 437 29.30 27.54 3.49
C ILE C 437 29.39 29.04 3.16
N VAL C 438 29.23 29.38 1.88
CA VAL C 438 29.26 30.78 1.43
C VAL C 438 28.14 31.57 2.11
N GLU C 439 26.91 31.07 2.01
CA GLU C 439 25.75 31.73 2.62
C GLU C 439 25.94 31.80 4.12
N GLY C 440 26.38 30.70 4.72
CA GLY C 440 26.59 30.65 6.16
C GLY C 440 27.60 31.66 6.69
N CYS C 441 28.79 31.68 6.10
CA CYS C 441 29.83 32.61 6.52
C CYS C 441 29.39 34.06 6.34
N THR C 442 28.85 34.38 5.17
CA THR C 442 28.39 35.73 4.88
C THR C 442 27.28 36.15 5.85
N GLY C 443 26.44 35.19 6.22
CA GLY C 443 25.35 35.46 7.14
C GLY C 443 25.87 35.70 8.54
N ALA C 444 26.92 34.98 8.93
CA ALA C 444 27.51 35.14 10.25
C ALA C 444 28.15 36.52 10.33
N LEU C 445 28.80 36.93 9.25
CA LEU C 445 29.47 38.22 9.15
C LEU C 445 28.45 39.36 9.10
N HIS C 446 27.34 39.12 8.39
CA HIS C 446 26.27 40.11 8.27
C HIS C 446 25.79 40.53 9.66
N ILE C 447 25.59 39.55 10.52
CA ILE C 447 25.13 39.79 11.89
C ILE C 447 26.25 40.42 12.72
N LEU C 448 27.46 39.88 12.61
CA LEU C 448 28.60 40.40 13.35
C LEU C 448 28.87 41.86 12.99
N ALA C 449 28.54 42.22 11.75
CA ALA C 449 28.73 43.57 11.23
C ALA C 449 27.80 44.61 11.84
N ARG C 450 26.91 44.18 12.73
CA ARG C 450 25.98 45.10 13.40
C ARG C 450 26.77 45.95 14.40
N ASP C 451 27.94 45.46 14.79
CA ASP C 451 28.82 46.14 15.73
C ASP C 451 29.86 46.97 14.97
N VAL C 452 30.04 48.21 15.40
CA VAL C 452 30.99 49.13 14.75
C VAL C 452 32.44 48.66 14.71
N HIS C 453 32.93 48.09 15.82
CA HIS C 453 34.30 47.62 15.91
C HIS C 453 34.56 46.42 14.98
N ASN C 454 33.61 45.47 14.96
CA ASN C 454 33.72 44.29 14.10
C ASN C 454 33.68 44.72 12.64
N ARG C 455 32.89 45.76 12.38
CA ARG C 455 32.71 46.29 11.04
C ARG C 455 34.02 46.86 10.49
N ILE C 456 34.92 47.24 11.39
CA ILE C 456 36.23 47.77 11.01
C ILE C 456 37.10 46.59 10.57
N VAL C 457 37.05 45.51 11.34
CA VAL C 457 37.80 44.29 11.05
C VAL C 457 37.44 43.70 9.70
N ILE C 458 36.13 43.51 9.46
CA ILE C 458 35.63 42.96 8.21
C ILE C 458 36.14 43.76 7.01
N ARG C 459 36.02 45.09 7.10
CA ARG C 459 36.48 45.97 6.03
C ARG C 459 38.00 45.88 5.87
N GLY C 460 38.70 45.81 6.99
CA GLY C 460 40.15 45.72 6.96
C GLY C 460 40.69 44.52 6.21
N LEU C 461 39.93 43.42 6.22
CA LEU C 461 40.32 42.20 5.54
C LEU C 461 40.07 42.23 4.04
N ASN C 462 39.75 43.41 3.50
CA ASN C 462 39.50 43.60 2.07
C ASN C 462 38.39 42.64 1.60
N THR C 463 37.29 42.62 2.34
CA THR C 463 36.16 41.75 2.02
C THR C 463 35.15 42.36 1.05
N ILE C 464 35.03 43.69 1.06
CA ILE C 464 34.09 44.39 0.17
C ILE C 464 34.09 43.88 -1.28
N PRO C 465 35.27 43.66 -1.88
CA PRO C 465 35.32 43.16 -3.26
C PRO C 465 34.59 41.82 -3.41
N LEU C 466 34.83 40.91 -2.48
CA LEU C 466 34.17 39.59 -2.52
C LEU C 466 32.66 39.73 -2.29
N PHE C 467 32.28 40.52 -1.29
CA PHE C 467 30.88 40.75 -0.99
C PHE C 467 30.12 41.30 -2.19
N VAL C 468 30.82 42.09 -3.01
CA VAL C 468 30.23 42.68 -4.21
C VAL C 468 30.01 41.61 -5.27
N GLN C 469 31.02 40.75 -5.45
CA GLN C 469 30.94 39.66 -6.43
C GLN C 469 29.83 38.67 -6.08
N LEU C 470 29.59 38.48 -4.78
CA LEU C 470 28.56 37.57 -4.32
C LEU C 470 27.16 38.04 -4.75
N LEU C 471 27.05 39.32 -5.08
CA LEU C 471 25.78 39.91 -5.51
C LEU C 471 25.35 39.34 -6.85
N TYR C 472 26.31 38.82 -7.60
CA TYR C 472 26.04 38.24 -8.92
C TYR C 472 25.68 36.76 -8.82
N SER C 473 25.76 36.20 -7.62
CA SER C 473 25.44 34.79 -7.39
C SER C 473 24.02 34.45 -7.83
N PRO C 474 23.84 33.27 -8.45
CA PRO C 474 22.52 32.82 -8.91
C PRO C 474 21.61 32.44 -7.74
N ILE C 475 22.22 32.18 -6.58
CA ILE C 475 21.50 31.78 -5.38
C ILE C 475 20.98 32.96 -4.55
N GLU C 476 19.66 33.11 -4.52
CA GLU C 476 18.99 34.18 -3.77
C GLU C 476 19.50 34.34 -2.35
N ASN C 477 19.67 33.23 -1.66
CA ASN C 477 20.14 33.22 -0.28
C ASN C 477 21.47 33.95 -0.14
N ILE C 478 22.36 33.75 -1.12
CA ILE C 478 23.67 34.39 -1.13
C ILE C 478 23.56 35.88 -1.44
N GLN C 479 22.70 36.23 -2.39
CA GLN C 479 22.46 37.63 -2.77
C GLN C 479 21.98 38.42 -1.55
N ARG C 480 21.07 37.80 -0.80
CA ARG C 480 20.49 38.42 0.39
C ARG C 480 21.50 38.72 1.49
N VAL C 481 22.29 37.72 1.87
CA VAL C 481 23.30 37.93 2.92
C VAL C 481 24.44 38.84 2.44
N ALA C 482 24.71 38.84 1.14
CA ALA C 482 25.75 39.69 0.57
C ALA C 482 25.28 41.14 0.62
N ALA C 483 24.07 41.38 0.14
CA ALA C 483 23.50 42.72 0.15
C ALA C 483 23.35 43.19 1.59
N GLY C 484 23.05 42.25 2.49
CA GLY C 484 22.88 42.56 3.89
C GLY C 484 24.15 43.01 4.59
N VAL C 485 25.27 42.31 4.35
CA VAL C 485 26.53 42.69 4.99
C VAL C 485 27.01 44.03 4.45
N LEU C 486 26.85 44.24 3.15
CA LEU C 486 27.25 45.49 2.50
C LEU C 486 26.37 46.63 3.02
N CYS C 487 25.16 46.30 3.45
CA CYS C 487 24.22 47.27 3.98
C CYS C 487 24.70 47.80 5.32
N GLU C 488 25.26 46.90 6.14
CA GLU C 488 25.77 47.26 7.46
C GLU C 488 27.10 48.01 7.35
N LEU C 489 28.00 47.51 6.49
CA LEU C 489 29.30 48.16 6.29
C LEU C 489 29.11 49.56 5.74
N ALA C 490 28.05 49.73 4.95
CA ALA C 490 27.73 51.00 4.31
C ALA C 490 27.29 52.13 5.24
N GLN C 491 26.84 51.78 6.45
CA GLN C 491 26.38 52.80 7.41
C GLN C 491 27.53 53.68 7.90
N ASP C 492 28.71 53.47 7.31
CA ASP C 492 29.91 54.23 7.63
C ASP C 492 30.46 54.75 6.30
N LYS C 493 30.36 56.07 6.11
CA LYS C 493 30.80 56.76 4.91
C LYS C 493 32.04 56.20 4.21
N GLU C 494 33.03 55.80 5.00
CA GLU C 494 34.28 55.25 4.48
C GLU C 494 34.06 54.00 3.62
N ALA C 495 33.32 53.04 4.16
CA ALA C 495 33.04 51.79 3.45
C ALA C 495 32.09 51.98 2.28
N ALA C 496 31.05 52.79 2.49
CA ALA C 496 30.06 53.06 1.44
C ALA C 496 30.73 53.55 0.16
N GLU C 497 31.74 54.39 0.32
CA GLU C 497 32.50 54.92 -0.81
C GLU C 497 33.23 53.80 -1.52
N ALA C 498 33.84 52.90 -0.74
CA ALA C 498 34.57 51.77 -1.29
C ALA C 498 33.63 50.80 -2.00
N ILE C 499 32.45 50.58 -1.43
CA ILE C 499 31.45 49.70 -2.00
C ILE C 499 31.03 50.22 -3.37
N GLU C 500 30.70 51.51 -3.42
CA GLU C 500 30.28 52.17 -4.65
C GLU C 500 31.45 52.14 -5.64
N ALA C 501 32.66 52.26 -5.12
CA ALA C 501 33.87 52.25 -5.93
C ALA C 501 34.13 50.91 -6.60
N GLU C 502 33.50 49.85 -6.09
CA GLU C 502 33.67 48.51 -6.63
C GLU C 502 32.71 48.21 -7.78
N GLY C 503 31.75 49.11 -8.01
CA GLY C 503 30.79 48.92 -9.08
C GLY C 503 29.59 48.10 -8.63
N ALA C 504 29.15 48.34 -7.40
CA ALA C 504 28.01 47.64 -6.84
C ALA C 504 26.69 48.23 -7.29
N THR C 505 26.75 49.37 -7.99
CA THR C 505 25.55 50.04 -8.47
C THR C 505 24.74 49.20 -9.45
N ALA C 506 25.38 48.74 -10.52
CA ALA C 506 24.72 47.92 -11.54
C ALA C 506 24.02 46.68 -10.97
N PRO C 507 24.74 45.84 -10.21
CA PRO C 507 24.10 44.64 -9.67
C PRO C 507 23.00 44.95 -8.64
N LEU C 508 23.27 45.89 -7.74
CA LEU C 508 22.30 46.27 -6.70
C LEU C 508 21.03 46.86 -7.28
N THR C 509 21.17 47.75 -8.26
CA THR C 509 20.02 48.36 -8.92
C THR C 509 19.22 47.23 -9.57
N GLU C 510 19.95 46.24 -10.09
CA GLU C 510 19.34 45.09 -10.73
C GLU C 510 18.61 44.23 -9.69
N LEU C 511 19.19 44.11 -8.50
CA LEU C 511 18.60 43.33 -7.42
C LEU C 511 17.32 43.95 -6.84
N LEU C 512 17.04 45.20 -7.21
CA LEU C 512 15.85 45.89 -6.73
C LEU C 512 14.59 45.24 -7.27
N HIS C 513 14.71 44.70 -8.49
CA HIS C 513 13.59 44.04 -9.16
C HIS C 513 13.41 42.61 -8.66
N SER C 514 14.28 42.19 -7.74
CA SER C 514 14.21 40.84 -7.19
C SER C 514 12.87 40.54 -6.51
N ARG C 515 12.36 39.34 -6.75
CA ARG C 515 11.09 38.89 -6.17
C ARG C 515 11.24 38.59 -4.68
N ASN C 516 12.49 38.48 -4.23
CA ASN C 516 12.79 38.22 -2.83
C ASN C 516 12.80 39.54 -2.07
N GLU C 517 11.82 39.72 -1.19
CA GLU C 517 11.67 40.94 -0.40
C GLU C 517 12.94 41.33 0.34
N GLY C 518 13.64 40.34 0.90
CA GLY C 518 14.86 40.60 1.63
C GLY C 518 15.98 41.12 0.73
N VAL C 519 16.10 40.53 -0.45
CA VAL C 519 17.13 40.92 -1.42
C VAL C 519 16.88 42.33 -1.95
N ALA C 520 15.63 42.62 -2.29
CA ALA C 520 15.25 43.93 -2.80
C ALA C 520 15.47 45.02 -1.75
N THR C 521 14.98 44.78 -0.55
CA THR C 521 15.09 45.73 0.56
C THR C 521 16.55 46.09 0.89
N TYR C 522 17.40 45.08 1.08
CA TYR C 522 18.81 45.29 1.40
C TYR C 522 19.53 46.02 0.26
N ALA C 523 19.19 45.65 -0.98
CA ALA C 523 19.79 46.27 -2.15
C ALA C 523 19.44 47.76 -2.16
N ALA C 524 18.20 48.06 -1.79
CA ALA C 524 17.71 49.43 -1.73
C ALA C 524 18.44 50.19 -0.63
N ALA C 525 18.64 49.53 0.50
CA ALA C 525 19.33 50.11 1.63
C ALA C 525 20.77 50.50 1.30
N VAL C 526 21.46 49.62 0.57
CA VAL C 526 22.85 49.88 0.19
C VAL C 526 22.93 51.07 -0.76
N LEU C 527 21.97 51.17 -1.67
CA LEU C 527 21.92 52.28 -2.62
C LEU C 527 21.73 53.61 -1.89
N PHE C 528 20.91 53.59 -0.84
CA PHE C 528 20.64 54.77 -0.03
C PHE C 528 21.92 55.25 0.65
N ARG C 529 22.65 54.30 1.26
CA ARG C 529 23.91 54.61 1.93
C ARG C 529 24.93 55.14 0.91
N MET C 530 24.71 54.78 -0.36
CA MET C 530 25.59 55.23 -1.43
C MET C 530 25.16 56.59 -1.94
N SER C 531 23.93 56.99 -1.60
CA SER C 531 23.40 58.28 -2.01
C SER C 531 23.66 59.32 -0.91
N GLU C 532 24.71 59.09 -0.12
CA GLU C 532 25.09 59.99 0.97
C GLU C 532 26.60 60.11 1.09
N PRO D 2 19.50 28.58 -7.93
CA PRO D 2 18.57 29.72 -7.69
C PRO D 2 18.31 29.90 -6.20
N GLN D 3 18.09 28.78 -5.52
CA GLN D 3 17.84 28.79 -4.08
C GLN D 3 18.63 27.71 -3.38
N LEU D 4 18.97 27.96 -2.12
CA LEU D 4 19.72 27.02 -1.31
C LEU D 4 18.84 25.80 -1.03
N ASN D 5 19.45 24.61 -1.00
CA ASN D 5 18.73 23.37 -0.74
C ASN D 5 18.65 23.10 0.76
N SER D 6 19.79 23.19 1.43
CA SER D 6 19.88 23.00 2.87
C SER D 6 20.57 24.23 3.45
N GLY D 7 20.80 24.23 4.76
CA GLY D 7 21.45 25.36 5.39
C GLY D 7 20.63 26.63 5.31
N GLY D 8 21.31 27.76 5.10
CA GLY D 8 20.61 29.03 5.00
C GLY D 8 20.17 29.62 6.33
N GLY D 9 19.71 30.86 6.29
CA GLY D 9 19.25 31.52 7.49
C GLY D 9 18.79 32.95 7.24
N ASP D 10 18.47 33.67 8.30
CA ASP D 10 18.03 35.05 8.17
C ASP D 10 18.44 35.90 9.37
N GLU D 11 17.89 37.10 9.48
CA GLU D 11 18.21 38.00 10.59
C GLU D 11 17.90 37.41 11.96
N LEU D 12 17.16 36.31 11.98
CA LEU D 12 16.81 35.64 13.23
C LEU D 12 17.71 34.42 13.48
N GLY D 13 18.75 34.27 12.67
CA GLY D 13 19.68 33.17 12.86
C GLY D 13 19.69 32.10 11.78
N ALA D 14 20.62 31.16 11.93
CA ALA D 14 20.77 30.05 11.00
C ALA D 14 19.57 29.12 11.13
N ASN D 15 19.23 28.44 10.04
CA ASN D 15 18.10 27.52 10.06
C ASN D 15 18.42 26.22 10.77
N ASP D 16 17.42 25.66 11.44
CA ASP D 16 17.55 24.39 12.16
C ASP D 16 17.58 23.29 11.10
N GLU D 17 18.30 22.22 11.38
CA GLU D 17 18.39 21.09 10.44
C GLU D 17 18.49 19.77 11.15
N LEU D 18 17.84 18.76 10.59
CA LEU D 18 17.82 17.41 11.13
C LEU D 18 19.00 16.58 10.64
N ILE D 19 19.48 15.68 11.50
CA ILE D 19 20.57 14.77 11.15
C ILE D 19 19.84 13.43 11.02
N ARG D 20 19.92 12.83 9.85
CA ARG D 20 19.20 11.58 9.61
C ARG D 20 19.91 10.26 9.93
N PHE D 21 19.90 9.92 11.21
CA PHE D 21 20.52 8.70 11.69
C PHE D 21 19.66 7.51 11.27
N LYS D 22 20.31 6.50 10.71
CA LYS D 22 19.65 5.29 10.24
C LYS D 22 20.56 4.10 10.46
N ASP D 23 20.89 3.85 11.73
CA ASP D 23 21.77 2.76 12.13
C ASP D 23 21.01 1.53 12.63
N GLU D 24 20.96 0.49 11.80
CA GLU D 24 20.28 -0.76 12.14
C GLU D 24 21.14 -1.64 13.04
N ASP D 40 22.84 -17.81 24.86
CA ASP D 40 22.40 -16.45 25.28
C ASP D 40 21.01 -16.49 25.93
N LEU D 41 20.02 -16.93 25.17
CA LEU D 41 18.65 -17.03 25.67
C LEU D 41 18.28 -18.47 26.03
N ALA D 42 19.28 -19.36 25.99
CA ALA D 42 19.08 -20.78 26.31
C ALA D 42 18.45 -20.97 27.69
N ASP D 43 18.83 -20.11 28.63
CA ASP D 43 18.30 -20.17 30.00
C ASP D 43 16.81 -19.83 30.01
N VAL D 44 16.43 -18.88 29.18
CA VAL D 44 15.02 -18.44 29.08
C VAL D 44 14.16 -19.56 28.51
N LYS D 45 14.62 -20.16 27.41
CA LYS D 45 13.89 -21.25 26.75
C LYS D 45 13.81 -22.51 27.62
N SER D 46 14.88 -22.78 28.36
CA SER D 46 14.92 -23.96 29.24
C SER D 46 13.88 -23.84 30.36
N SER D 47 13.96 -22.75 31.11
CA SER D 47 13.02 -22.51 32.21
C SER D 47 11.58 -22.46 31.72
N LEU D 48 11.41 -22.01 30.47
CA LEU D 48 10.10 -21.92 29.84
C LEU D 48 9.43 -23.28 29.69
N VAL D 49 10.20 -24.27 29.24
CA VAL D 49 9.68 -25.62 29.06
C VAL D 49 9.81 -26.50 30.30
N ASN D 50 11.03 -26.68 30.79
CA ASN D 50 11.27 -27.50 31.97
C ASN D 50 10.93 -26.77 33.28
#